data_7CDF
#
_entry.id   7CDF
#
_cell.length_a   121.720
_cell.length_b   180.230
_cell.length_c   232.235
_cell.angle_alpha   90.00
_cell.angle_beta   90.00
_cell.angle_gamma   90.00
#
_symmetry.space_group_name_H-M   'I 2 2 2'
#
loop_
_entity.id
_entity.type
_entity.pdbx_description
1 polymer 'Lysine-specific histone demethylase 1A'
2 polymer 'REST corepressor 1'
3 polymer PRO-ARG-SER-PHE-LEU-VAL-ARG-ARG-LYS
4 non-polymer 'FLAVIN-ADENINE DINUCLEOTIDE'
5 non-polymer GLYCEROL
6 water water
#
loop_
_entity_poly.entity_id
_entity_poly.type
_entity_poly.pdbx_seq_one_letter_code
_entity_poly.pdbx_strand_id
1 'polypeptide(L)'
;GPLGSHMSGVEGAAFQSRLPHDRMTSQEAACFPDIISGPQQTQKVFLFIRNRTLQLWLDNPKIQLTFEATLQQLEAPYNS
DTVLVHRVHSYLERHGLINFGIYKRIKPLPTKKTGKVIIIGSGVSGLAAARQLQSFGMDVTLLEARDRVGGRVATFRKGN
YVADLGAMVVTGLGGNPMAVVSKQVNMELAKIKQKCPLYEANGQAVPKEKDEMVEQEFNRLLEATSYLSHQLDFNVLNNK
PVSLGQALEVVIQLQEKHVKDEQIEHWKKIVKTQEELKELLNKMVNLKEKIKELHQQYKEASEVKPPRDITAEFLVKSKH
RDLTALCKEYDELAETQGKLEEKLQELEANPPSDVYLSSRDRQILDWHFANLEFANATPLSTLSLKHWDQDDDFEFTGSH
LTVRNGYSCVPVALAEGLDIKLNTAVRQVRYTASGCEVIAVNTRSTSQTFIYKCDAVLCTLPLGVLKQQPPAVQFVPPLP
EWKTSAVQRMGFGNLNKVVLCFDRVFWDPSVNLFGHVGSTTASRGELFLFWNLYKAPILLALVAGEAAGIMENISDDVIV
GRCLAILKGIFGSSAVPQPKETVVSRWRADPWARGSYSYVAAGSSGNDYDLMAQPITPGPSIPGAPQPIPRLFFAGEHTI
RNYPATVHGALLSGLREAGRIADQFLGAM
;
A
2 'polypeptide(L)'
;GSSGSASRKPPKGMFLSQEDVEAVSANATAATTVLRQLDMELVSVKRQIQNIKQTNSALKEKLDGGIEPYRLPEVIQKCN
ARWTTEEQLLAVQAIRKYGRDFQAISDVIGNKSVVQVKNFFVNYRRRFNIDEVLQEWEAE
;
B
3 'polypeptide(L)' PRSFLVRRK C
#
# COMPACT_ATOMS: atom_id res chain seq x y z
N HIS A 6 -12.30 -10.08 -23.90
CA HIS A 6 -12.06 -9.21 -25.09
C HIS A 6 -11.16 -9.94 -26.11
N MET A 7 -11.38 -11.24 -26.32
CA MET A 7 -10.62 -12.08 -27.28
C MET A 7 -11.37 -12.09 -28.62
N SER A 8 -12.68 -12.35 -28.59
CA SER A 8 -13.60 -12.23 -29.75
C SER A 8 -13.69 -10.77 -30.19
N GLY A 9 -14.32 -10.50 -31.35
CA GLY A 9 -14.55 -9.14 -31.89
C GLY A 9 -15.72 -8.47 -31.18
N VAL A 10 -16.86 -9.16 -31.09
CA VAL A 10 -18.10 -8.67 -30.41
C VAL A 10 -17.83 -8.54 -28.90
N GLU A 11 -17.13 -9.51 -28.30
CA GLU A 11 -16.80 -9.53 -26.85
C GLU A 11 -15.83 -8.38 -26.54
N GLY A 12 -14.92 -8.07 -27.49
CA GLY A 12 -13.93 -6.98 -27.38
C GLY A 12 -14.59 -5.61 -27.32
N ALA A 13 -15.72 -5.44 -28.02
CA ALA A 13 -16.51 -4.19 -28.06
C ALA A 13 -17.18 -3.95 -26.71
N ALA A 14 -17.75 -5.00 -26.12
CA ALA A 14 -18.37 -4.99 -24.76
C ALA A 14 -17.33 -4.50 -23.75
N PHE A 15 -16.12 -5.07 -23.78
CA PHE A 15 -15.00 -4.70 -22.89
C PHE A 15 -14.61 -3.24 -23.13
N GLN A 16 -14.49 -2.83 -24.39
CA GLN A 16 -14.05 -1.45 -24.77
C GLN A 16 -15.13 -0.43 -24.36
N SER A 17 -16.37 -0.88 -24.20
CA SER A 17 -17.54 -0.06 -23.77
C SER A 17 -17.82 -0.24 -22.27
N ARG A 18 -16.94 -0.97 -21.57
CA ARG A 18 -17.00 -1.22 -20.10
C ARG A 18 -18.30 -1.94 -19.76
N LEU A 19 -18.73 -2.88 -20.61
CA LEU A 19 -19.95 -3.69 -20.45
C LEU A 19 -19.54 -5.16 -20.35
N PRO A 20 -20.25 -5.98 -19.52
CA PRO A 20 -20.07 -7.42 -19.57
C PRO A 20 -20.72 -8.01 -20.83
N HIS A 21 -19.94 -8.70 -21.66
CA HIS A 21 -20.34 -9.21 -23.00
C HIS A 21 -21.44 -10.27 -22.88
N ASP A 22 -21.50 -10.99 -21.76
CA ASP A 22 -22.32 -12.23 -21.59
C ASP A 22 -23.46 -11.99 -20.59
N ARG A 23 -23.77 -10.74 -20.26
CA ARG A 23 -24.79 -10.40 -19.23
C ARG A 23 -25.35 -8.99 -19.49
N MET A 24 -26.62 -8.78 -19.12
CA MET A 24 -27.31 -7.46 -19.24
C MET A 24 -27.05 -6.65 -17.97
N THR A 25 -26.76 -5.35 -18.13
CA THR A 25 -26.46 -4.39 -17.04
C THR A 25 -27.77 -3.92 -16.39
N SER A 26 -27.67 -3.22 -15.26
CA SER A 26 -28.81 -2.58 -14.55
C SER A 26 -29.52 -1.59 -15.49
N GLN A 27 -28.74 -0.77 -16.20
CA GLN A 27 -29.24 0.27 -17.14
C GLN A 27 -30.06 -0.41 -18.25
N GLU A 28 -29.58 -1.55 -18.76
CA GLU A 28 -30.24 -2.34 -19.82
C GLU A 28 -31.54 -2.94 -19.29
N ALA A 29 -31.52 -3.49 -18.07
CA ALA A 29 -32.71 -4.06 -17.38
C ALA A 29 -33.83 -3.02 -17.30
N ALA A 30 -33.47 -1.75 -17.11
CA ALA A 30 -34.43 -0.62 -16.95
C ALA A 30 -35.13 -0.34 -18.27
N CYS A 31 -34.39 -0.32 -19.39
CA CYS A 31 -34.86 0.04 -20.75
C CYS A 31 -35.37 -1.18 -21.52
N PHE A 32 -35.05 -2.40 -21.05
CA PHE A 32 -35.44 -3.69 -21.68
C PHE A 32 -35.91 -4.67 -20.61
N PRO A 33 -36.88 -4.28 -19.75
CA PRO A 33 -37.38 -5.16 -18.69
C PRO A 33 -38.07 -6.41 -19.23
N ASP A 34 -38.78 -6.28 -20.35
CA ASP A 34 -39.46 -7.39 -21.07
C ASP A 34 -38.43 -8.49 -21.37
N ILE A 35 -37.24 -8.11 -21.85
CA ILE A 35 -36.18 -9.04 -22.34
C ILE A 35 -35.50 -9.74 -21.14
N ILE A 36 -34.97 -8.98 -20.19
CA ILE A 36 -34.15 -9.51 -19.05
C ILE A 36 -35.03 -10.39 -18.14
N SER A 37 -36.34 -10.12 -18.07
CA SER A 37 -37.29 -10.88 -17.21
C SER A 37 -37.82 -12.12 -17.94
N GLY A 38 -37.35 -12.38 -19.17
CA GLY A 38 -37.91 -13.37 -20.09
C GLY A 38 -36.91 -14.47 -20.48
N PRO A 39 -37.22 -15.28 -21.51
CA PRO A 39 -36.37 -16.38 -21.97
C PRO A 39 -34.89 -16.02 -22.23
N GLN A 40 -33.98 -16.97 -21.91
CA GLN A 40 -32.51 -16.82 -22.03
C GLN A 40 -32.11 -16.53 -23.49
N GLN A 41 -32.75 -17.21 -24.46
CA GLN A 41 -32.39 -17.12 -25.90
C GLN A 41 -32.51 -15.66 -26.36
N THR A 42 -33.60 -14.98 -26.00
CA THR A 42 -33.89 -13.58 -26.38
C THR A 42 -32.81 -12.64 -25.80
N GLN A 43 -32.37 -12.92 -24.57
CA GLN A 43 -31.29 -12.14 -23.87
C GLN A 43 -29.99 -12.25 -24.67
N LYS A 44 -29.63 -13.46 -25.11
CA LYS A 44 -28.39 -13.76 -25.87
C LYS A 44 -28.44 -13.03 -27.21
N VAL A 45 -29.63 -12.99 -27.83
CA VAL A 45 -29.92 -12.25 -29.09
C VAL A 45 -29.69 -10.76 -28.82
N PHE A 46 -30.33 -10.22 -27.78
CA PHE A 46 -30.17 -8.81 -27.33
C PHE A 46 -28.68 -8.49 -27.19
N LEU A 47 -27.97 -9.30 -26.38
CA LEU A 47 -26.55 -9.08 -26.02
C LEU A 47 -25.69 -9.03 -27.28
N PHE A 48 -25.96 -9.89 -28.27
CA PHE A 48 -25.20 -9.92 -29.55
C PHE A 48 -25.48 -8.64 -30.35
N ILE A 49 -26.76 -8.26 -30.48
CA ILE A 49 -27.19 -7.04 -31.25
C ILE A 49 -26.45 -5.84 -30.65
N ARG A 50 -26.49 -5.72 -29.32
CA ARG A 50 -25.77 -4.66 -28.55
C ARG A 50 -24.28 -4.74 -28.88
N ASN A 51 -23.64 -5.88 -28.59
CA ASN A 51 -22.18 -6.10 -28.75
C ASN A 51 -21.76 -5.79 -30.18
N ARG A 52 -22.57 -6.18 -31.18
CA ARG A 52 -22.27 -6.00 -32.62
C ARG A 52 -22.36 -4.52 -33.00
N THR A 53 -23.45 -3.85 -32.62
CA THR A 53 -23.68 -2.39 -32.86
C THR A 53 -22.46 -1.61 -32.34
N LEU A 54 -22.02 -1.94 -31.12
CA LEU A 54 -20.82 -1.33 -30.46
C LEU A 54 -19.59 -1.57 -31.32
N GLN A 55 -19.35 -2.82 -31.74
CA GLN A 55 -18.20 -3.22 -32.59
C GLN A 55 -18.17 -2.31 -33.83
N LEU A 56 -19.31 -2.19 -34.52
CA LEU A 56 -19.44 -1.40 -35.77
C LEU A 56 -19.02 0.06 -35.50
N TRP A 57 -19.59 0.67 -34.46
CA TRP A 57 -19.28 2.06 -34.04
C TRP A 57 -17.78 2.20 -33.75
N LEU A 58 -17.20 1.26 -32.98
CA LEU A 58 -15.81 1.32 -32.49
C LEU A 58 -14.82 1.16 -33.66
N ASP A 59 -15.16 0.32 -34.64
CA ASP A 59 -14.32 0.02 -35.84
C ASP A 59 -14.18 1.28 -36.71
N ASN A 60 -15.19 2.16 -36.71
CA ASN A 60 -15.18 3.45 -37.45
C ASN A 60 -15.96 4.50 -36.67
N PRO A 61 -15.35 5.13 -35.65
CA PRO A 61 -16.04 6.12 -34.83
C PRO A 61 -15.96 7.56 -35.37
N LYS A 62 -15.48 7.73 -36.61
CA LYS A 62 -15.32 9.06 -37.27
C LYS A 62 -16.57 9.42 -38.07
N ILE A 63 -17.54 8.50 -38.18
CA ILE A 63 -18.83 8.74 -38.90
C ILE A 63 -19.99 8.12 -38.09
N GLN A 64 -21.14 8.80 -38.08
CA GLN A 64 -22.37 8.36 -37.38
C GLN A 64 -22.74 6.95 -37.83
N LEU A 65 -22.90 6.03 -36.88
CA LEU A 65 -23.55 4.71 -37.11
C LEU A 65 -25.07 4.90 -36.95
N THR A 66 -25.80 4.84 -38.07
CA THR A 66 -27.28 4.97 -38.10
C THR A 66 -27.93 3.62 -37.80
N PHE A 67 -29.25 3.62 -37.56
CA PHE A 67 -30.07 2.40 -37.34
C PHE A 67 -30.04 1.53 -38.60
N GLU A 68 -30.16 2.16 -39.77
CA GLU A 68 -30.22 1.48 -41.09
C GLU A 68 -28.89 0.77 -41.33
N ALA A 69 -27.77 1.50 -41.21
CA ALA A 69 -26.39 1.00 -41.36
C ALA A 69 -26.15 -0.19 -40.41
N THR A 70 -26.77 -0.16 -39.23
CA THR A 70 -26.65 -1.23 -38.20
C THR A 70 -27.39 -2.48 -38.69
N LEU A 71 -28.67 -2.33 -39.09
CA LEU A 71 -29.56 -3.44 -39.53
C LEU A 71 -28.95 -4.12 -40.76
N GLN A 72 -28.28 -3.35 -41.64
CA GLN A 72 -27.59 -3.84 -42.86
C GLN A 72 -26.63 -4.98 -42.50
N GLN A 73 -25.76 -4.76 -41.51
CA GLN A 73 -24.55 -5.60 -41.26
C GLN A 73 -24.84 -6.64 -40.16
N LEU A 74 -26.12 -6.85 -39.81
CA LEU A 74 -26.56 -7.92 -38.89
C LEU A 74 -27.04 -9.12 -39.72
N GLU A 75 -26.48 -10.31 -39.47
CA GLU A 75 -26.94 -11.59 -40.08
C GLU A 75 -28.11 -12.14 -39.25
N ALA A 76 -29.00 -12.90 -39.87
CA ALA A 76 -30.16 -13.56 -39.23
C ALA A 76 -29.65 -14.63 -38.27
N PRO A 77 -30.39 -14.96 -37.17
CA PRO A 77 -31.72 -14.42 -36.90
C PRO A 77 -31.73 -13.12 -36.08
N TYR A 78 -30.58 -12.44 -35.99
CA TYR A 78 -30.37 -11.22 -35.17
C TYR A 78 -31.04 -10.01 -35.85
N ASN A 79 -31.14 -10.04 -37.18
CA ASN A 79 -31.75 -8.97 -38.02
C ASN A 79 -33.24 -9.25 -38.28
N SER A 80 -33.74 -10.39 -37.77
CA SER A 80 -35.17 -10.80 -37.86
C SER A 80 -36.06 -9.70 -37.26
N ASP A 81 -35.80 -9.34 -36.00
CA ASP A 81 -36.60 -8.38 -35.20
C ASP A 81 -36.08 -6.96 -35.45
N THR A 82 -36.79 -6.16 -36.25
CA THR A 82 -36.38 -4.79 -36.67
C THR A 82 -36.56 -3.82 -35.50
N VAL A 83 -37.63 -3.98 -34.69
CA VAL A 83 -37.92 -3.10 -33.51
C VAL A 83 -36.85 -3.31 -32.44
N LEU A 84 -36.53 -4.57 -32.10
CA LEU A 84 -35.50 -4.91 -31.08
C LEU A 84 -34.17 -4.25 -31.47
N VAL A 85 -33.77 -4.37 -32.74
CA VAL A 85 -32.52 -3.75 -33.27
C VAL A 85 -32.61 -2.23 -33.13
N HIS A 86 -33.80 -1.66 -33.34
CA HIS A 86 -34.05 -0.18 -33.26
C HIS A 86 -33.95 0.29 -31.80
N ARG A 87 -34.58 -0.44 -30.88
CA ARG A 87 -34.56 -0.15 -29.42
C ARG A 87 -33.10 -0.18 -28.92
N VAL A 88 -32.37 -1.23 -29.28
CA VAL A 88 -30.93 -1.42 -28.89
C VAL A 88 -30.13 -0.22 -29.41
N HIS A 89 -30.24 0.10 -30.70
CA HIS A 89 -29.49 1.21 -31.33
C HIS A 89 -29.82 2.53 -30.62
N SER A 90 -31.11 2.80 -30.40
CA SER A 90 -31.61 4.07 -29.80
C SER A 90 -31.04 4.22 -28.39
N TYR A 91 -31.13 3.17 -27.57
CA TYR A 91 -30.55 3.07 -26.20
C TYR A 91 -29.07 3.44 -26.23
N LEU A 92 -28.29 2.77 -27.09
CA LEU A 92 -26.82 2.96 -27.20
C LEU A 92 -26.52 4.41 -27.57
N GLU A 93 -27.29 4.99 -28.49
CA GLU A 93 -27.09 6.38 -28.99
C GLU A 93 -27.41 7.37 -27.86
N ARG A 94 -28.50 7.11 -27.14
CA ARG A 94 -29.06 8.00 -26.09
C ARG A 94 -28.07 8.10 -24.93
N HIS A 95 -27.50 6.95 -24.52
CA HIS A 95 -26.57 6.81 -23.38
C HIS A 95 -25.12 7.07 -23.82
N GLY A 96 -24.89 7.42 -25.08
CA GLY A 96 -23.59 7.89 -25.60
C GLY A 96 -22.55 6.77 -25.69
N LEU A 97 -22.99 5.53 -25.92
CA LEU A 97 -22.10 4.35 -26.13
C LEU A 97 -21.71 4.26 -27.60
N ILE A 98 -22.56 4.79 -28.50
CA ILE A 98 -22.26 5.01 -29.94
C ILE A 98 -22.57 6.47 -30.27
N ASN A 99 -21.93 7.00 -31.31
CA ASN A 99 -22.17 8.37 -31.84
C ASN A 99 -21.96 9.39 -30.70
N PHE A 100 -20.84 9.25 -29.99
CA PHE A 100 -20.32 10.26 -29.01
C PHE A 100 -19.01 10.82 -29.55
N GLY A 101 -18.64 12.02 -29.09
CA GLY A 101 -17.39 12.70 -29.47
C GLY A 101 -17.56 13.53 -30.71
N ILE A 102 -16.62 13.42 -31.65
CA ILE A 102 -16.60 14.20 -32.93
C ILE A 102 -16.62 13.23 -34.10
N TYR A 103 -17.76 13.15 -34.80
CA TYR A 103 -18.02 12.24 -35.94
C TYR A 103 -18.77 13.03 -37.01
N LYS A 104 -18.57 12.69 -38.29
CA LYS A 104 -19.35 13.24 -39.42
C LYS A 104 -20.77 12.68 -39.34
N ARG A 105 -21.78 13.55 -39.40
CA ARG A 105 -23.21 13.18 -39.34
C ARG A 105 -23.70 12.85 -40.75
N ILE A 106 -24.37 11.71 -40.92
CA ILE A 106 -24.94 11.26 -42.22
C ILE A 106 -26.11 12.20 -42.59
N LYS A 107 -27.03 12.45 -41.65
CA LYS A 107 -28.21 13.33 -41.83
C LYS A 107 -28.01 14.61 -41.03
N PRO A 108 -28.00 15.83 -41.67
CA PRO A 108 -27.85 17.08 -40.92
C PRO A 108 -28.91 17.24 -39.83
N LEU A 109 -28.55 17.88 -38.72
CA LEU A 109 -29.45 18.10 -37.55
C LEU A 109 -30.58 19.03 -37.96
N PRO A 110 -31.84 18.76 -37.54
CA PRO A 110 -32.96 19.65 -37.86
C PRO A 110 -32.79 21.01 -37.18
N THR A 111 -33.06 22.09 -37.92
CA THR A 111 -32.97 23.51 -37.45
C THR A 111 -34.04 23.76 -36.38
N LYS A 112 -35.09 22.93 -36.33
CA LYS A 112 -36.17 22.96 -35.30
C LYS A 112 -35.69 22.22 -34.04
N LYS A 113 -35.41 22.96 -32.97
CA LYS A 113 -34.81 22.45 -31.71
C LYS A 113 -35.88 22.36 -30.62
N THR A 114 -35.88 21.27 -29.85
CA THR A 114 -36.81 21.00 -28.73
C THR A 114 -36.07 21.24 -27.39
N GLY A 115 -36.62 22.09 -26.53
CA GLY A 115 -36.12 22.33 -25.16
C GLY A 115 -34.87 23.18 -25.15
N LYS A 116 -34.59 23.82 -24.01
CA LYS A 116 -33.44 24.75 -23.81
C LYS A 116 -32.69 24.37 -22.53
N VAL A 117 -31.38 24.13 -22.62
CA VAL A 117 -30.49 23.71 -21.50
C VAL A 117 -29.32 24.71 -21.37
N ILE A 118 -29.09 25.20 -20.16
CA ILE A 118 -27.85 25.95 -19.79
C ILE A 118 -26.89 24.96 -19.11
N ILE A 119 -25.66 24.85 -19.63
CA ILE A 119 -24.58 24.02 -19.06
C ILE A 119 -23.56 24.96 -18.39
N ILE A 120 -23.37 24.82 -17.09
CA ILE A 120 -22.39 25.63 -16.31
C ILE A 120 -21.03 24.92 -16.42
N GLY A 121 -20.04 25.58 -17.02
CA GLY A 121 -18.67 25.07 -17.21
C GLY A 121 -18.48 24.45 -18.59
N SER A 122 -17.37 24.79 -19.25
CA SER A 122 -16.98 24.29 -20.60
C SER A 122 -15.78 23.33 -20.48
N GLY A 123 -15.66 22.62 -19.36
CA GLY A 123 -14.74 21.49 -19.20
C GLY A 123 -15.23 20.27 -19.96
N VAL A 124 -14.50 19.15 -19.88
CA VAL A 124 -14.80 17.94 -20.70
C VAL A 124 -16.21 17.45 -20.38
N SER A 125 -16.61 17.43 -19.10
CA SER A 125 -17.96 16.98 -18.68
C SER A 125 -19.02 17.85 -19.38
N GLY A 126 -18.88 19.18 -19.28
CA GLY A 126 -19.76 20.16 -19.92
C GLY A 126 -19.84 19.97 -21.42
N LEU A 127 -18.69 19.93 -22.09
CA LEU A 127 -18.56 19.81 -23.57
C LEU A 127 -19.14 18.48 -24.04
N ALA A 128 -18.82 17.38 -23.35
CA ALA A 128 -19.33 16.03 -23.67
C ALA A 128 -20.87 16.05 -23.67
N ALA A 129 -21.48 16.63 -22.62
CA ALA A 129 -22.95 16.73 -22.46
C ALA A 129 -23.53 17.58 -23.59
N ALA A 130 -22.98 18.79 -23.79
CA ALA A 130 -23.40 19.78 -24.79
C ALA A 130 -23.54 19.13 -26.17
N ARG A 131 -22.48 18.46 -26.64
CA ARG A 131 -22.46 17.77 -27.97
C ARG A 131 -23.62 16.79 -28.06
N GLN A 132 -23.77 15.93 -27.06
CA GLN A 132 -24.83 14.90 -27.01
C GLN A 132 -26.20 15.56 -27.14
N LEU A 133 -26.48 16.57 -26.30
CA LEU A 133 -27.79 17.27 -26.22
C LEU A 133 -28.09 17.93 -27.58
N GLN A 134 -27.16 18.71 -28.12
CA GLN A 134 -27.29 19.39 -29.44
C GLN A 134 -27.62 18.34 -30.51
N SER A 135 -26.93 17.20 -30.50
CA SER A 135 -27.12 16.11 -31.50
C SER A 135 -28.44 15.38 -31.26
N PHE A 136 -29.07 15.56 -30.09
CA PHE A 136 -30.43 15.05 -29.78
C PHE A 136 -31.49 16.09 -30.16
N GLY A 137 -31.05 17.27 -30.62
CA GLY A 137 -31.91 18.35 -31.13
C GLY A 137 -32.39 19.28 -30.04
N MET A 138 -31.63 19.44 -28.95
CA MET A 138 -31.93 20.43 -27.89
C MET A 138 -31.13 21.70 -28.16
N ASP A 139 -31.60 22.84 -27.66
CA ASP A 139 -30.87 24.14 -27.70
C ASP A 139 -29.95 24.17 -26.47
N VAL A 140 -28.65 24.23 -26.68
CA VAL A 140 -27.62 24.19 -25.60
C VAL A 140 -26.79 25.48 -25.63
N THR A 141 -26.54 26.05 -24.45
CA THR A 141 -25.59 27.17 -24.24
C THR A 141 -24.72 26.84 -23.02
N LEU A 142 -23.40 26.84 -23.18
CA LEU A 142 -22.42 26.65 -22.09
C LEU A 142 -22.02 28.04 -21.57
N LEU A 143 -22.09 28.24 -20.26
CA LEU A 143 -21.53 29.44 -19.57
C LEU A 143 -20.20 29.05 -18.95
N GLU A 144 -19.12 29.76 -19.30
CA GLU A 144 -17.72 29.46 -18.90
C GLU A 144 -17.10 30.73 -18.32
N ALA A 145 -16.62 30.66 -17.07
CA ALA A 145 -15.99 31.80 -16.35
C ALA A 145 -14.66 32.19 -17.02
N ARG A 146 -13.86 31.20 -17.45
CA ARG A 146 -12.51 31.41 -18.03
C ARG A 146 -12.62 32.00 -19.43
N ASP A 147 -11.49 32.48 -19.97
CA ASP A 147 -11.35 33.03 -21.34
C ASP A 147 -11.06 31.89 -22.34
N ARG A 148 -11.24 30.63 -21.92
CA ARG A 148 -10.89 29.42 -22.71
C ARG A 148 -11.76 28.24 -22.27
N VAL A 149 -11.69 27.14 -23.01
CA VAL A 149 -12.44 25.88 -22.72
C VAL A 149 -11.46 24.84 -22.17
N GLY A 150 -11.98 23.71 -21.65
CA GLY A 150 -11.19 22.56 -21.17
C GLY A 150 -11.11 22.50 -19.65
N GLY A 151 -11.21 23.65 -18.98
CA GLY A 151 -11.22 23.73 -17.51
C GLY A 151 -9.92 23.21 -16.92
N ARG A 152 -10.02 22.10 -16.16
CA ARG A 152 -8.88 21.47 -15.45
C ARG A 152 -7.98 20.71 -16.44
N VAL A 153 -8.40 20.60 -17.71
CA VAL A 153 -7.52 20.26 -18.85
C VAL A 153 -6.99 21.59 -19.44
N ALA A 154 -5.75 21.94 -19.08
CA ALA A 154 -5.09 23.21 -19.45
C ALA A 154 -3.70 22.91 -20.01
N THR A 155 -3.44 23.31 -21.25
CA THR A 155 -2.15 23.12 -21.97
C THR A 155 -1.44 24.46 -22.09
N PHE A 156 -0.18 24.52 -21.65
CA PHE A 156 0.72 25.70 -21.81
C PHE A 156 1.29 25.68 -23.23
N ARG A 157 1.38 26.86 -23.87
CA ARG A 157 1.87 27.03 -25.26
C ARG A 157 2.61 28.37 -25.38
N LYS A 158 3.91 28.29 -25.68
CA LYS A 158 4.76 29.43 -26.11
C LYS A 158 5.77 28.88 -27.13
N GLY A 159 5.68 29.33 -28.39
CA GLY A 159 6.50 28.81 -29.50
C GLY A 159 6.26 27.33 -29.71
N ASN A 160 7.32 26.51 -29.70
CA ASN A 160 7.26 25.04 -29.88
C ASN A 160 7.12 24.35 -28.51
N TYR A 161 7.21 25.10 -27.41
CA TYR A 161 7.01 24.58 -26.03
C TYR A 161 5.53 24.25 -25.84
N VAL A 162 5.25 23.04 -25.35
CA VAL A 162 3.89 22.50 -25.08
C VAL A 162 3.98 21.66 -23.79
N ALA A 163 3.17 21.99 -22.78
CA ALA A 163 3.19 21.33 -21.46
C ALA A 163 1.83 21.50 -20.74
N ASP A 164 1.20 20.38 -20.39
CA ASP A 164 -0.09 20.34 -19.67
C ASP A 164 0.13 20.67 -18.19
N LEU A 165 -0.57 21.70 -17.69
CA LEU A 165 -0.59 22.08 -16.25
C LEU A 165 -1.73 21.32 -15.54
N GLY A 166 -2.67 20.76 -16.30
CA GLY A 166 -3.77 19.93 -15.79
C GLY A 166 -3.58 18.47 -16.14
N ALA A 167 -4.64 17.80 -16.57
CA ALA A 167 -4.60 16.39 -17.04
C ALA A 167 -3.48 16.24 -18.08
N MET A 168 -2.75 15.14 -18.00
CA MET A 168 -1.50 14.88 -18.77
C MET A 168 -1.49 13.45 -19.32
N VAL A 169 -2.08 12.51 -18.59
CA VAL A 169 -1.90 11.04 -18.81
C VAL A 169 -3.25 10.41 -19.19
N VAL A 170 -3.25 9.58 -20.23
CA VAL A 170 -4.35 8.62 -20.54
C VAL A 170 -4.00 7.32 -19.81
N THR A 171 -4.83 6.92 -18.85
CA THR A 171 -4.52 5.80 -17.91
C THR A 171 -4.91 4.47 -18.57
N GLY A 172 -4.40 4.22 -19.79
CA GLY A 172 -4.65 2.99 -20.57
C GLY A 172 -5.83 3.15 -21.51
N LEU A 173 -5.79 2.50 -22.68
CA LEU A 173 -6.83 2.60 -23.74
C LEU A 173 -7.85 1.45 -23.60
N GLY A 174 -7.53 0.44 -22.80
CA GLY A 174 -8.37 -0.77 -22.64
C GLY A 174 -9.64 -0.48 -21.86
N GLY A 175 -10.73 -0.16 -22.56
CA GLY A 175 -12.04 0.18 -21.97
C GLY A 175 -12.21 1.69 -21.79
N ASN A 176 -11.23 2.46 -22.25
CA ASN A 176 -11.17 3.94 -22.09
C ASN A 176 -11.92 4.58 -23.25
N PRO A 177 -12.91 5.46 -22.99
CA PRO A 177 -13.61 6.18 -24.06
C PRO A 177 -12.72 7.22 -24.77
N MET A 178 -11.56 7.55 -24.20
CA MET A 178 -10.58 8.47 -24.84
C MET A 178 -9.87 7.72 -25.98
N ALA A 179 -9.93 6.39 -26.00
CA ALA A 179 -9.50 5.54 -27.13
C ALA A 179 -10.27 5.96 -28.40
N VAL A 180 -11.60 6.04 -28.29
CA VAL A 180 -12.52 6.49 -29.37
C VAL A 180 -12.17 7.95 -29.74
N VAL A 181 -11.99 8.81 -28.75
CA VAL A 181 -11.73 10.27 -28.97
C VAL A 181 -10.39 10.44 -29.69
N SER A 182 -9.40 9.57 -29.40
CA SER A 182 -8.03 9.64 -29.95
C SER A 182 -8.02 9.30 -31.45
N LYS A 183 -8.97 8.47 -31.91
CA LYS A 183 -9.17 8.18 -33.35
C LYS A 183 -9.90 9.35 -34.01
N GLN A 184 -10.80 10.01 -33.29
CA GLN A 184 -11.64 11.14 -33.79
C GLN A 184 -10.81 12.42 -33.85
N VAL A 185 -9.95 12.65 -32.85
CA VAL A 185 -9.10 13.87 -32.71
C VAL A 185 -7.64 13.45 -32.91
N ASN A 186 -6.86 14.29 -33.60
CA ASN A 186 -5.39 14.11 -33.76
C ASN A 186 -4.72 14.42 -32.41
N MET A 187 -4.61 13.40 -31.54
CA MET A 187 -3.75 13.43 -30.33
C MET A 187 -2.49 12.61 -30.63
N GLU A 188 -1.32 13.14 -30.32
CA GLU A 188 -0.02 12.42 -30.40
C GLU A 188 0.14 11.62 -29.10
N LEU A 189 -0.47 10.44 -29.03
CA LEU A 189 -0.38 9.52 -27.87
C LEU A 189 0.98 8.82 -27.90
N ALA A 190 1.75 8.96 -26.81
CA ALA A 190 3.12 8.39 -26.65
C ALA A 190 3.20 7.68 -25.30
N LYS A 191 3.59 6.40 -25.31
CA LYS A 191 3.69 5.54 -24.10
C LYS A 191 4.70 6.14 -23.12
N ILE A 192 4.43 5.97 -21.82
CA ILE A 192 5.32 6.37 -20.70
C ILE A 192 6.17 5.15 -20.32
N LYS A 193 7.50 5.28 -20.40
CA LYS A 193 8.46 4.22 -20.00
C LYS A 193 8.52 4.22 -18.46
N GLN A 194 8.18 3.08 -17.85
CA GLN A 194 7.89 2.94 -16.40
C GLN A 194 9.16 3.14 -15.55
N LYS A 195 10.34 3.00 -16.14
CA LYS A 195 11.65 3.13 -15.44
C LYS A 195 11.76 4.55 -14.86
N CYS A 196 11.96 4.66 -13.54
CA CYS A 196 11.99 5.93 -12.77
C CYS A 196 13.06 5.87 -11.69
N PRO A 197 14.33 6.25 -12.01
CA PRO A 197 15.39 6.31 -11.00
C PRO A 197 15.14 7.39 -9.94
N LEU A 198 15.34 7.05 -8.66
CA LEU A 198 15.31 8.01 -7.51
C LEU A 198 16.70 8.61 -7.33
N TYR A 199 16.77 9.84 -6.80
CA TYR A 199 18.01 10.58 -6.48
C TYR A 199 17.83 11.27 -5.13
N GLU A 200 18.63 10.88 -4.14
CA GLU A 200 18.48 11.31 -2.71
C GLU A 200 18.81 12.80 -2.59
N ALA A 201 18.61 13.38 -1.41
CA ALA A 201 18.80 14.82 -1.10
C ALA A 201 20.09 15.34 -1.73
N ASN A 202 21.16 14.54 -1.69
CA ASN A 202 22.54 14.92 -2.14
C ASN A 202 22.63 14.97 -3.67
N GLY A 203 21.95 14.05 -4.37
CA GLY A 203 22.00 13.92 -5.83
C GLY A 203 22.49 12.55 -6.29
N GLN A 204 22.73 11.62 -5.36
CA GLN A 204 23.21 10.25 -5.63
C GLN A 204 22.00 9.32 -5.82
N ALA A 205 21.93 8.63 -6.96
CA ALA A 205 20.92 7.60 -7.26
C ALA A 205 20.91 6.57 -6.12
N VAL A 206 19.72 6.13 -5.70
CA VAL A 206 19.56 5.11 -4.62
C VAL A 206 20.19 3.81 -5.11
N PRO A 207 21.07 3.17 -4.33
CA PRO A 207 21.58 1.83 -4.66
C PRO A 207 20.47 0.86 -5.09
N LYS A 208 20.63 0.19 -6.23
CA LYS A 208 19.59 -0.67 -6.85
C LYS A 208 18.94 -1.57 -5.78
N GLU A 209 19.75 -2.31 -5.02
CA GLU A 209 19.26 -3.33 -4.03
C GLU A 209 18.40 -2.64 -2.98
N LYS A 210 18.86 -1.50 -2.44
CA LYS A 210 18.14 -0.69 -1.43
C LYS A 210 16.83 -0.19 -2.01
N ASP A 211 16.87 0.42 -3.20
CA ASP A 211 15.68 0.94 -3.93
C ASP A 211 14.60 -0.14 -3.97
N GLU A 212 14.95 -1.34 -4.44
CA GLU A 212 14.03 -2.50 -4.58
C GLU A 212 13.47 -2.88 -3.21
N MET A 213 14.28 -2.79 -2.15
CA MET A 213 13.91 -3.20 -0.76
C MET A 213 12.86 -2.24 -0.21
N VAL A 214 13.07 -0.92 -0.38
CA VAL A 214 12.18 0.15 0.15
C VAL A 214 10.82 0.06 -0.57
N GLU A 215 10.85 -0.04 -1.91
CA GLU A 215 9.65 -0.17 -2.76
C GLU A 215 8.82 -1.39 -2.33
N GLN A 216 9.47 -2.54 -2.13
CA GLN A 216 8.79 -3.79 -1.71
C GLN A 216 8.14 -3.57 -0.34
N GLU A 217 8.78 -2.79 0.53
CA GLU A 217 8.29 -2.52 1.91
C GLU A 217 7.05 -1.62 1.81
N PHE A 218 7.07 -0.63 0.91
CA PHE A 218 5.93 0.28 0.62
C PHE A 218 4.68 -0.52 0.24
N ASN A 219 4.81 -1.43 -0.73
CA ASN A 219 3.69 -2.24 -1.27
C ASN A 219 3.16 -3.17 -0.17
N ARG A 220 4.04 -3.70 0.70
CA ARG A 220 3.68 -4.55 1.86
C ARG A 220 2.92 -3.70 2.89
N LEU A 221 3.38 -2.48 3.14
CA LEU A 221 2.73 -1.52 4.07
C LEU A 221 1.31 -1.21 3.58
N LEU A 222 1.13 -0.97 2.27
CA LEU A 222 -0.20 -0.68 1.68
C LEU A 222 -1.10 -1.91 1.88
N GLU A 223 -0.67 -3.08 1.40
CA GLU A 223 -1.43 -4.34 1.52
C GLU A 223 -1.84 -4.55 2.99
N ALA A 224 -0.95 -4.21 3.93
CA ALA A 224 -1.16 -4.32 5.39
C ALA A 224 -2.35 -3.46 5.82
N THR A 225 -2.42 -2.20 5.35
CA THR A 225 -3.52 -1.26 5.66
C THR A 225 -4.84 -1.87 5.17
N SER A 226 -4.83 -2.49 3.98
CA SER A 226 -6.00 -3.18 3.39
C SER A 226 -6.42 -4.36 4.28
N TYR A 227 -5.45 -5.13 4.77
CA TYR A 227 -5.67 -6.24 5.74
C TYR A 227 -6.26 -5.65 7.03
N LEU A 228 -5.60 -4.62 7.58
CA LEU A 228 -6.06 -3.86 8.78
C LEU A 228 -7.53 -3.47 8.59
N SER A 229 -7.88 -2.99 7.39
CA SER A 229 -9.21 -2.43 7.05
C SER A 229 -10.26 -3.54 6.94
N HIS A 230 -10.04 -4.53 6.06
CA HIS A 230 -11.07 -5.50 5.61
C HIS A 230 -11.16 -6.69 6.57
N GLN A 231 -10.02 -7.13 7.14
CA GLN A 231 -9.92 -8.37 7.94
C GLN A 231 -10.09 -8.04 9.44
N LEU A 232 -9.36 -7.05 9.96
CA LEU A 232 -9.40 -6.66 11.40
C LEU A 232 -10.48 -5.59 11.64
N ASP A 233 -11.06 -5.04 10.58
CA ASP A 233 -12.19 -4.07 10.62
C ASP A 233 -11.78 -2.82 11.43
N PHE A 234 -10.52 -2.38 11.26
CA PHE A 234 -9.93 -1.21 11.96
C PHE A 234 -10.24 0.07 11.15
N ASN A 235 -11.50 0.52 11.21
CA ASN A 235 -12.04 1.59 10.33
C ASN A 235 -12.59 2.76 11.15
N VAL A 236 -12.81 2.59 12.47
CA VAL A 236 -13.20 3.70 13.39
C VAL A 236 -12.23 3.71 14.58
N LEU A 237 -11.86 4.91 15.04
CA LEU A 237 -10.94 5.13 16.20
C LEU A 237 -11.28 6.46 16.87
N ASN A 238 -11.88 6.40 18.06
CA ASN A 238 -12.32 7.56 18.88
C ASN A 238 -13.55 8.22 18.23
N ASN A 239 -14.46 7.42 17.69
CA ASN A 239 -15.70 7.88 16.99
C ASN A 239 -15.29 8.79 15.82
N LYS A 240 -14.23 8.43 15.09
CA LYS A 240 -13.75 9.17 13.90
C LYS A 240 -13.27 8.15 12.85
N PRO A 241 -13.53 8.39 11.55
CA PRO A 241 -13.10 7.46 10.50
C PRO A 241 -11.57 7.41 10.44
N VAL A 242 -11.01 6.20 10.32
CA VAL A 242 -9.54 5.97 10.26
C VAL A 242 -9.02 6.41 8.89
N SER A 243 -8.03 7.30 8.88
CA SER A 243 -7.28 7.75 7.69
C SER A 243 -6.41 6.60 7.17
N LEU A 244 -5.97 6.67 5.91
CA LEU A 244 -4.93 5.76 5.35
C LEU A 244 -3.58 6.06 6.04
N GLY A 245 -3.26 7.35 6.22
CA GLY A 245 -2.08 7.83 6.96
C GLY A 245 -2.01 7.21 8.36
N GLN A 246 -3.11 7.28 9.12
CA GLN A 246 -3.22 6.68 10.48
C GLN A 246 -2.85 5.19 10.41
N ALA A 247 -3.46 4.45 9.49
CA ALA A 247 -3.28 2.99 9.30
C ALA A 247 -1.82 2.69 8.99
N LEU A 248 -1.18 3.50 8.13
CA LEU A 248 0.26 3.35 7.76
C LEU A 248 1.13 3.57 9.00
N GLU A 249 0.88 4.64 9.77
CA GLU A 249 1.56 4.94 11.07
C GLU A 249 1.46 3.69 11.95
N VAL A 250 0.24 3.17 12.14
CA VAL A 250 -0.06 2.01 13.03
C VAL A 250 0.70 0.78 12.52
N VAL A 251 0.63 0.49 11.22
CA VAL A 251 1.28 -0.71 10.61
C VAL A 251 2.80 -0.60 10.81
N ILE A 252 3.38 0.59 10.59
CA ILE A 252 4.84 0.85 10.77
C ILE A 252 5.21 0.59 12.23
N GLN A 253 4.46 1.17 13.18
CA GLN A 253 4.70 1.03 14.65
C GLN A 253 4.72 -0.46 15.03
N LEU A 254 3.79 -1.25 14.50
CA LEU A 254 3.70 -2.71 14.76
C LEU A 254 4.92 -3.43 14.18
N GLN A 255 5.49 -2.93 13.07
CA GLN A 255 6.70 -3.51 12.44
C GLN A 255 7.92 -3.14 13.30
N GLU A 256 7.95 -1.92 13.83
CA GLU A 256 9.00 -1.46 14.78
C GLU A 256 8.90 -2.28 16.08
N LYS A 257 7.69 -2.52 16.57
CA LYS A 257 7.43 -3.34 17.79
C LYS A 257 8.01 -4.73 17.60
N HIS A 258 7.69 -5.38 16.47
CA HIS A 258 8.14 -6.75 16.13
C HIS A 258 9.67 -6.80 16.12
N VAL A 259 10.33 -5.81 15.53
CA VAL A 259 11.82 -5.71 15.48
C VAL A 259 12.38 -5.79 16.91
N LYS A 260 11.81 -5.00 17.82
CA LYS A 260 12.20 -4.93 19.25
C LYS A 260 11.84 -6.26 19.94
N ASP A 261 10.60 -6.72 19.80
CA ASP A 261 10.10 -8.02 20.35
C ASP A 261 11.05 -9.16 19.91
N GLU A 262 11.55 -9.09 18.68
CA GLU A 262 12.45 -10.13 18.07
C GLU A 262 13.80 -10.10 18.78
N GLN A 263 14.38 -8.91 18.95
CA GLN A 263 15.66 -8.69 19.68
C GLN A 263 15.54 -9.24 21.10
N ILE A 264 14.47 -8.89 21.81
CA ILE A 264 14.20 -9.30 23.22
C ILE A 264 14.25 -10.83 23.32
N GLU A 265 13.45 -11.54 22.50
CA GLU A 265 13.36 -13.03 22.49
C GLU A 265 14.76 -13.63 22.24
N HIS A 266 15.56 -13.00 21.38
CA HIS A 266 16.93 -13.45 21.00
C HIS A 266 17.89 -13.31 22.17
N TRP A 267 17.92 -12.14 22.82
CA TRP A 267 18.78 -11.85 23.99
C TRP A 267 18.29 -12.67 25.21
N LYS A 268 16.97 -12.89 25.34
CA LYS A 268 16.36 -13.68 26.44
C LYS A 268 16.83 -15.13 26.40
N LYS A 269 17.09 -15.69 25.21
CA LYS A 269 17.54 -17.09 25.03
C LYS A 269 19.07 -17.16 25.17
N ILE A 270 19.76 -16.02 25.04
CA ILE A 270 21.23 -15.92 25.30
C ILE A 270 21.47 -15.94 26.81
N VAL A 271 20.69 -15.19 27.60
CA VAL A 271 20.84 -15.15 29.09
C VAL A 271 20.45 -16.52 29.67
N LYS A 272 19.44 -17.18 29.10
CA LYS A 272 18.98 -18.52 29.56
C LYS A 272 20.10 -19.55 29.36
N THR A 273 20.90 -19.38 28.30
CA THR A 273 22.07 -20.24 27.97
C THR A 273 23.25 -19.86 28.89
N GLN A 274 23.46 -18.56 29.13
CA GLN A 274 24.53 -18.04 30.02
C GLN A 274 24.28 -18.51 31.46
N GLU A 275 23.01 -18.60 31.88
CA GLU A 275 22.61 -19.02 33.25
C GLU A 275 22.69 -20.55 33.39
N GLU A 276 22.59 -21.28 32.26
CA GLU A 276 22.90 -22.73 32.20
C GLU A 276 24.41 -22.92 32.37
N LEU A 277 25.20 -22.17 31.60
CA LEU A 277 26.68 -22.20 31.60
C LEU A 277 27.19 -21.87 33.02
N LYS A 278 26.64 -20.83 33.64
CA LYS A 278 26.95 -20.40 35.03
C LYS A 278 26.73 -21.56 36.00
N GLU A 279 25.52 -22.13 35.99
CA GLU A 279 25.13 -23.26 36.89
C GLU A 279 26.08 -24.45 36.68
N LEU A 280 26.52 -24.68 35.44
CA LEU A 280 27.47 -25.77 35.09
C LEU A 280 28.86 -25.43 35.63
N LEU A 281 29.39 -24.25 35.28
CA LEU A 281 30.74 -23.78 35.71
C LEU A 281 30.87 -23.87 37.24
N ASN A 282 29.84 -23.45 37.98
CA ASN A 282 29.80 -23.55 39.47
C ASN A 282 29.97 -25.02 39.89
N LYS A 283 29.23 -25.92 39.26
CA LYS A 283 29.27 -27.38 39.54
C LYS A 283 30.68 -27.93 39.23
N MET A 284 31.32 -27.43 38.18
CA MET A 284 32.67 -27.86 37.73
C MET A 284 33.76 -27.31 38.68
N VAL A 285 33.56 -26.11 39.23
CA VAL A 285 34.51 -25.45 40.18
C VAL A 285 34.48 -26.19 41.52
N ASN A 286 33.29 -26.51 42.02
CA ASN A 286 33.07 -27.31 43.27
C ASN A 286 33.69 -28.70 43.11
N LEU A 287 33.51 -29.32 41.93
CA LEU A 287 33.99 -30.68 41.63
C LEU A 287 35.52 -30.70 41.50
N LYS A 288 36.11 -29.60 41.03
CA LYS A 288 37.60 -29.48 40.89
C LYS A 288 38.21 -29.46 42.29
N GLU A 289 37.60 -28.75 43.24
CA GLU A 289 38.05 -28.65 44.65
C GLU A 289 37.95 -30.02 45.32
N LYS A 290 36.86 -30.76 45.08
CA LYS A 290 36.64 -32.12 45.64
C LYS A 290 37.63 -33.10 45.01
N ILE A 291 38.01 -32.90 43.74
CA ILE A 291 39.03 -33.72 43.03
C ILE A 291 40.41 -33.40 43.60
N LYS A 292 40.71 -32.12 43.82
CA LYS A 292 42.01 -31.62 44.35
C LYS A 292 42.24 -32.19 45.75
N GLU A 293 41.25 -32.05 46.64
CA GLU A 293 41.26 -32.58 48.03
C GLU A 293 41.46 -34.09 48.01
N LEU A 294 40.67 -34.81 47.20
CA LEU A 294 40.64 -36.29 47.13
C LEU A 294 41.96 -36.82 46.56
N HIS A 295 42.61 -36.07 45.66
CA HIS A 295 43.94 -36.42 45.08
C HIS A 295 45.00 -36.41 46.18
N GLN A 296 44.99 -35.36 47.02
CA GLN A 296 45.92 -35.22 48.18
C GLN A 296 45.75 -36.44 49.09
N GLN A 297 44.51 -36.76 49.47
CA GLN A 297 44.16 -37.89 50.37
C GLN A 297 44.74 -39.20 49.81
N TYR A 298 44.58 -39.43 48.50
CA TYR A 298 45.13 -40.61 47.77
C TYR A 298 46.66 -40.58 47.82
N LYS A 299 47.24 -39.40 47.55
CA LYS A 299 48.71 -39.18 47.52
C LYS A 299 49.30 -39.52 48.91
N GLU A 300 48.63 -39.12 49.99
CA GLU A 300 49.05 -39.38 51.40
C GLU A 300 48.94 -40.89 51.69
N ALA A 301 47.86 -41.53 51.25
CA ALA A 301 47.58 -42.97 51.45
C ALA A 301 48.61 -43.80 50.67
N SER A 302 48.94 -43.39 49.44
CA SER A 302 49.91 -44.09 48.55
C SER A 302 51.35 -43.90 49.08
N GLU A 303 51.62 -42.78 49.77
CA GLU A 303 52.96 -42.42 50.32
C GLU A 303 53.36 -43.40 51.43
N VAL A 304 52.40 -43.93 52.19
CA VAL A 304 52.60 -45.03 53.18
C VAL A 304 53.11 -46.27 52.43
N LYS A 305 54.38 -46.62 52.58
CA LYS A 305 55.05 -47.67 51.76
C LYS A 305 54.68 -49.05 52.29
N PRO A 306 54.68 -50.09 51.42
CA PRO A 306 54.47 -51.47 51.84
C PRO A 306 55.66 -51.97 52.66
N PRO A 307 55.50 -53.06 53.45
CA PRO A 307 54.26 -53.83 53.49
C PRO A 307 53.22 -53.11 54.37
N ARG A 308 51.94 -53.21 54.00
CA ARG A 308 50.82 -52.57 54.75
C ARG A 308 49.65 -53.56 54.86
N ASP A 309 48.84 -53.42 55.91
CA ASP A 309 47.64 -54.28 56.15
C ASP A 309 46.63 -53.99 55.06
N ILE A 310 45.52 -54.74 55.01
CA ILE A 310 44.54 -54.69 53.89
C ILE A 310 43.71 -53.40 53.97
N THR A 311 43.50 -52.85 55.18
CA THR A 311 42.76 -51.57 55.39
C THR A 311 43.54 -50.41 54.76
N ALA A 312 44.86 -50.42 54.91
CA ALA A 312 45.78 -49.41 54.33
C ALA A 312 45.81 -49.54 52.81
N GLU A 313 45.74 -50.78 52.29
CA GLU A 313 45.68 -51.09 50.84
C GLU A 313 44.33 -50.64 50.29
N PHE A 314 43.25 -50.95 51.00
CA PHE A 314 41.85 -50.57 50.65
C PHE A 314 41.75 -49.05 50.54
N LEU A 315 42.34 -48.31 51.48
CA LEU A 315 42.32 -46.82 51.48
C LEU A 315 42.91 -46.31 50.17
N VAL A 316 44.06 -46.84 49.76
CA VAL A 316 44.73 -46.45 48.47
C VAL A 316 43.78 -46.76 47.31
N LYS A 317 43.19 -47.95 47.30
CA LYS A 317 42.33 -48.46 46.19
C LYS A 317 41.01 -47.66 46.17
N SER A 318 40.33 -47.54 47.31
CA SER A 318 39.03 -46.84 47.45
C SER A 318 39.18 -45.38 46.99
N LYS A 319 40.26 -44.70 47.39
CA LYS A 319 40.53 -43.29 47.03
C LYS A 319 40.82 -43.18 45.53
N HIS A 320 41.56 -44.15 44.97
CA HIS A 320 41.87 -44.23 43.52
C HIS A 320 40.57 -44.35 42.72
N ARG A 321 39.69 -45.28 43.14
CA ARG A 321 38.35 -45.51 42.54
C ARG A 321 37.56 -44.20 42.57
N ASP A 322 37.42 -43.59 43.75
CA ASP A 322 36.64 -42.35 43.98
C ASP A 322 37.18 -41.22 43.08
N LEU A 323 38.51 -41.14 42.90
CA LEU A 323 39.16 -40.05 42.12
C LEU A 323 38.91 -40.24 40.63
N THR A 324 38.90 -41.48 40.13
CA THR A 324 38.63 -41.81 38.69
C THR A 324 37.15 -41.52 38.39
N ALA A 325 36.25 -41.85 39.31
CA ALA A 325 34.79 -41.61 39.20
C ALA A 325 34.52 -40.10 39.07
N LEU A 326 35.17 -39.28 39.91
CA LEU A 326 35.00 -37.79 39.90
C LEU A 326 35.65 -37.19 38.64
N CYS A 327 36.77 -37.75 38.19
CA CYS A 327 37.49 -37.30 36.96
C CYS A 327 36.68 -37.65 35.72
N LYS A 328 35.77 -38.63 35.81
CA LYS A 328 34.81 -38.96 34.73
C LYS A 328 33.72 -37.87 34.68
N GLU A 329 33.02 -37.65 35.81
CA GLU A 329 31.98 -36.61 35.96
C GLU A 329 32.47 -35.29 35.34
N TYR A 330 33.62 -34.79 35.80
CA TYR A 330 34.21 -33.49 35.38
C TYR A 330 34.42 -33.47 33.86
N ASP A 331 34.81 -34.60 33.26
CA ASP A 331 35.09 -34.73 31.81
C ASP A 331 33.77 -34.72 31.02
N GLU A 332 32.69 -35.29 31.59
CA GLU A 332 31.31 -35.24 31.01
C GLU A 332 30.80 -33.79 31.04
N LEU A 333 31.01 -33.08 32.16
CA LEU A 333 30.61 -31.66 32.35
C LEU A 333 31.44 -30.75 31.43
N ALA A 334 32.71 -31.10 31.18
CA ALA A 334 33.64 -30.33 30.31
C ALA A 334 33.22 -30.47 28.85
N GLU A 335 32.56 -31.58 28.50
CA GLU A 335 31.93 -31.81 27.16
C GLU A 335 30.69 -30.91 27.06
N THR A 336 29.78 -31.04 28.02
CA THR A 336 28.54 -30.23 28.16
C THR A 336 28.89 -28.73 28.10
N GLN A 337 29.99 -28.32 28.73
CA GLN A 337 30.48 -26.91 28.71
C GLN A 337 30.82 -26.53 27.26
N GLY A 338 31.47 -27.44 26.52
CA GLY A 338 31.94 -27.24 25.14
C GLY A 338 30.79 -26.93 24.18
N LYS A 339 29.68 -27.66 24.28
CA LYS A 339 28.52 -27.55 23.35
C LYS A 339 27.69 -26.30 23.68
N LEU A 340 27.60 -25.91 24.96
CA LEU A 340 26.92 -24.66 25.41
C LEU A 340 27.73 -23.44 24.95
N GLU A 341 29.06 -23.55 24.90
CA GLU A 341 29.97 -22.47 24.45
C GLU A 341 29.85 -22.29 22.93
N GLU A 342 29.66 -23.39 22.19
CA GLU A 342 29.43 -23.40 20.72
C GLU A 342 28.08 -22.75 20.43
N LYS A 343 27.01 -23.18 21.13
CA LYS A 343 25.63 -22.65 20.99
C LYS A 343 25.62 -21.13 21.25
N LEU A 344 26.37 -20.67 22.25
CA LEU A 344 26.42 -19.24 22.67
C LEU A 344 27.09 -18.40 21.57
N GLN A 345 28.13 -18.93 20.93
CA GLN A 345 28.91 -18.25 19.84
C GLN A 345 28.06 -18.17 18.57
N GLU A 346 27.12 -19.11 18.39
CA GLU A 346 26.21 -19.20 17.22
C GLU A 346 25.09 -18.16 17.35
N LEU A 347 24.54 -17.97 18.56
CA LEU A 347 23.49 -16.96 18.84
C LEU A 347 24.06 -15.54 18.68
N GLU A 348 25.32 -15.33 19.08
CA GLU A 348 26.03 -14.02 18.97
C GLU A 348 26.32 -13.72 17.50
N ALA A 349 26.42 -14.76 16.66
CA ALA A 349 26.78 -14.69 15.22
C ALA A 349 25.56 -14.32 14.37
N ASN A 350 24.36 -14.79 14.74
CA ASN A 350 23.08 -14.58 13.99
C ASN A 350 22.10 -13.77 14.83
N PRO A 351 22.37 -12.45 15.06
CA PRO A 351 21.39 -11.59 15.72
C PRO A 351 20.28 -11.16 14.77
N PRO A 352 19.07 -10.82 15.26
CA PRO A 352 18.00 -10.32 14.41
C PRO A 352 18.24 -8.86 14.03
N SER A 353 17.36 -8.29 13.20
CA SER A 353 17.47 -6.90 12.67
C SER A 353 17.60 -5.89 13.81
N ASP A 354 18.56 -4.97 13.69
CA ASP A 354 18.86 -3.89 14.65
C ASP A 354 17.74 -2.84 14.61
N VAL A 355 17.20 -2.58 13.41
CA VAL A 355 16.22 -1.50 13.12
C VAL A 355 15.24 -1.99 12.04
N TYR A 356 14.00 -1.48 12.05
CA TYR A 356 12.97 -1.76 11.00
C TYR A 356 13.35 -1.02 9.71
N LEU A 357 13.55 0.30 9.80
CA LEU A 357 13.96 1.17 8.67
C LEU A 357 14.97 2.21 9.14
N SER A 358 16.09 2.33 8.40
CA SER A 358 17.12 3.39 8.56
C SER A 358 16.50 4.76 8.31
N SER A 359 17.21 5.83 8.67
CA SER A 359 16.83 7.25 8.39
C SER A 359 16.68 7.46 6.89
N ARG A 360 17.62 6.94 6.09
CA ARG A 360 17.61 7.02 4.60
C ARG A 360 16.45 6.21 4.04
N ASP A 361 16.13 5.07 4.65
CA ASP A 361 15.07 4.14 4.18
C ASP A 361 13.70 4.80 4.39
N ARG A 362 13.49 5.41 5.56
CA ARG A 362 12.27 6.17 5.91
C ARG A 362 12.13 7.38 4.98
N GLN A 363 13.26 7.98 4.57
CA GLN A 363 13.32 9.12 3.61
C GLN A 363 12.89 8.66 2.21
N ILE A 364 13.41 7.53 1.75
CA ILE A 364 13.07 6.94 0.41
C ILE A 364 11.63 6.41 0.46
N LEU A 365 11.21 5.85 1.59
CA LEU A 365 9.81 5.38 1.81
C LEU A 365 8.85 6.58 1.72
N ASP A 366 9.26 7.74 2.24
CA ASP A 366 8.46 8.99 2.22
C ASP A 366 8.21 9.41 0.76
N TRP A 367 9.14 9.11 -0.15
CA TRP A 367 9.00 9.40 -1.60
C TRP A 367 7.83 8.56 -2.16
N HIS A 368 7.75 7.29 -1.79
CA HIS A 368 6.67 6.37 -2.20
C HIS A 368 5.33 6.84 -1.62
N PHE A 369 5.34 7.43 -0.43
CA PHE A 369 4.15 8.04 0.21
C PHE A 369 3.77 9.33 -0.55
N ALA A 370 4.77 10.10 -0.97
CA ALA A 370 4.60 11.33 -1.78
C ALA A 370 3.94 10.95 -3.12
N ASN A 371 4.42 9.87 -3.74
CA ASN A 371 3.87 9.31 -5.00
C ASN A 371 2.38 9.00 -4.79
N LEU A 372 2.03 8.37 -3.67
CA LEU A 372 0.63 8.01 -3.31
C LEU A 372 -0.17 9.28 -3.04
N GLU A 373 0.47 10.32 -2.48
CA GLU A 373 -0.17 11.62 -2.17
C GLU A 373 -0.37 12.42 -3.47
N PHE A 374 0.50 12.21 -4.46
CA PHE A 374 0.38 12.80 -5.82
C PHE A 374 -0.83 12.17 -6.52
N ALA A 375 -0.93 10.84 -6.46
CA ALA A 375 -1.97 10.04 -7.16
C ALA A 375 -3.37 10.44 -6.67
N ASN A 376 -3.53 10.61 -5.36
CA ASN A 376 -4.82 10.96 -4.71
C ASN A 376 -4.93 12.48 -4.56
N ALA A 377 -3.89 13.22 -4.94
CA ALA A 377 -3.81 14.70 -4.86
C ALA A 377 -4.20 15.20 -3.45
N THR A 378 -3.76 14.51 -2.40
CA THR A 378 -4.08 14.88 -1.00
C THR A 378 -3.11 14.22 -0.04
N PRO A 379 -2.82 14.86 1.11
CA PRO A 379 -2.18 14.19 2.24
C PRO A 379 -2.87 12.88 2.64
N LEU A 380 -2.09 11.82 2.89
CA LEU A 380 -2.60 10.46 3.20
C LEU A 380 -3.44 10.50 4.48
N SER A 381 -3.31 11.55 5.30
CA SER A 381 -4.08 11.76 6.55
C SER A 381 -5.54 12.08 6.25
N THR A 382 -5.88 12.46 5.01
CA THR A 382 -7.25 12.85 4.57
C THR A 382 -7.98 11.67 3.91
N LEU A 383 -7.23 10.76 3.26
CA LEU A 383 -7.80 9.61 2.51
C LEU A 383 -8.53 8.66 3.46
N SER A 384 -9.71 8.19 3.06
CA SER A 384 -10.46 7.08 3.72
C SER A 384 -9.67 5.78 3.53
N LEU A 385 -9.29 5.13 4.63
CA LEU A 385 -8.58 3.82 4.60
C LEU A 385 -9.42 2.81 3.80
N LYS A 386 -10.71 2.75 4.05
CA LYS A 386 -11.61 1.69 3.51
C LYS A 386 -11.84 1.89 2.01
N HIS A 387 -12.03 3.14 1.55
CA HIS A 387 -12.60 3.44 0.20
C HIS A 387 -11.69 4.31 -0.67
N TRP A 388 -10.46 4.63 -0.26
CA TRP A 388 -9.57 5.52 -1.06
C TRP A 388 -9.40 4.92 -2.47
N ASP A 389 -9.44 3.58 -2.57
CA ASP A 389 -9.11 2.81 -3.80
C ASP A 389 -10.38 2.16 -4.37
N GLN A 390 -11.56 2.65 -3.98
CA GLN A 390 -12.89 2.02 -4.26
C GLN A 390 -13.13 1.82 -5.77
N ASP A 391 -12.41 2.55 -6.63
CA ASP A 391 -12.60 2.51 -8.11
C ASP A 391 -11.64 1.51 -8.77
N ASP A 392 -10.90 0.72 -8.00
CA ASP A 392 -9.80 -0.16 -8.50
C ASP A 392 -10.32 -1.15 -9.55
N ASP A 393 -11.50 -1.72 -9.34
CA ASP A 393 -12.07 -2.82 -10.18
C ASP A 393 -12.41 -2.32 -11.58
N PHE A 394 -12.38 -1.00 -11.83
CA PHE A 394 -12.82 -0.38 -13.11
C PHE A 394 -11.64 0.23 -13.85
N GLU A 395 -10.43 0.13 -13.30
CA GLU A 395 -9.19 0.65 -13.93
C GLU A 395 -9.02 0.01 -15.31
N PHE A 396 -8.51 0.78 -16.26
CA PHE A 396 -8.30 0.32 -17.66
C PHE A 396 -7.03 -0.52 -17.75
N THR A 397 -6.83 -1.17 -18.90
CA THR A 397 -5.67 -2.04 -19.22
C THR A 397 -4.85 -1.39 -20.33
N GLY A 398 -3.56 -1.72 -20.41
CA GLY A 398 -2.62 -1.18 -21.42
C GLY A 398 -1.74 -0.08 -20.85
N SER A 399 -0.67 0.24 -21.57
CA SER A 399 0.35 1.25 -21.16
C SER A 399 -0.32 2.62 -21.02
N HIS A 400 0.03 3.36 -19.95
CA HIS A 400 -0.33 4.79 -19.78
C HIS A 400 0.38 5.58 -20.87
N LEU A 401 -0.28 6.60 -21.43
CA LEU A 401 0.24 7.43 -22.55
C LEU A 401 0.15 8.90 -22.14
N THR A 402 0.94 9.74 -22.79
CA THR A 402 0.91 11.22 -22.67
C THR A 402 0.45 11.80 -24.01
N VAL A 403 -0.09 13.01 -24.02
CA VAL A 403 -0.50 13.74 -25.25
C VAL A 403 0.61 14.75 -25.58
N ARG A 404 1.40 14.46 -26.63
CA ARG A 404 2.60 15.26 -27.00
C ARG A 404 2.16 16.60 -27.58
N ASN A 405 1.06 16.63 -28.35
CA ASN A 405 0.51 17.86 -28.99
C ASN A 405 -0.26 18.70 -27.95
N GLY A 406 -0.51 18.15 -26.75
CA GLY A 406 -1.19 18.85 -25.64
C GLY A 406 -2.66 18.44 -25.53
N TYR A 407 -3.16 18.25 -24.31
CA TYR A 407 -4.50 17.67 -24.02
C TYR A 407 -5.60 18.66 -24.45
N SER A 408 -5.34 19.98 -24.39
CA SER A 408 -6.27 21.06 -24.80
C SER A 408 -6.87 20.74 -26.19
N CYS A 409 -6.10 20.07 -27.05
CA CYS A 409 -6.54 19.63 -28.40
C CYS A 409 -7.90 18.93 -28.33
N VAL A 410 -8.21 18.25 -27.21
CA VAL A 410 -9.47 17.46 -27.01
C VAL A 410 -10.66 18.39 -26.75
N PRO A 411 -10.69 19.20 -25.66
CA PRO A 411 -11.80 20.13 -25.44
C PRO A 411 -12.00 21.09 -26.61
N VAL A 412 -10.92 21.71 -27.12
CA VAL A 412 -10.98 22.67 -28.26
C VAL A 412 -11.73 21.99 -29.41
N ALA A 413 -11.42 20.72 -29.70
CA ALA A 413 -12.09 19.90 -30.72
C ALA A 413 -13.58 19.73 -30.38
N LEU A 414 -13.90 19.37 -29.13
CA LEU A 414 -15.29 19.14 -28.65
C LEU A 414 -16.11 20.43 -28.73
N ALA A 415 -15.45 21.59 -28.57
CA ALA A 415 -16.08 22.93 -28.51
C ALA A 415 -16.59 23.38 -29.89
N GLU A 416 -16.15 22.74 -30.98
CA GLU A 416 -16.53 23.12 -32.37
C GLU A 416 -18.04 22.98 -32.53
N GLY A 417 -18.71 24.06 -32.98
CA GLY A 417 -20.14 24.08 -33.33
C GLY A 417 -21.05 24.23 -32.12
N LEU A 418 -20.51 24.67 -30.97
CA LEU A 418 -21.24 24.82 -29.69
C LEU A 418 -21.33 26.30 -29.32
N ASP A 419 -22.48 26.73 -28.81
CA ASP A 419 -22.71 28.10 -28.30
C ASP A 419 -22.08 28.22 -26.92
N ILE A 420 -20.86 28.74 -26.85
CA ILE A 420 -20.07 28.88 -25.57
C ILE A 420 -19.87 30.36 -25.28
N LYS A 421 -20.42 30.83 -24.15
CA LYS A 421 -20.16 32.19 -23.60
C LYS A 421 -18.96 32.13 -22.65
N LEU A 422 -17.78 32.54 -23.12
CA LEU A 422 -16.55 32.63 -22.28
C LEU A 422 -16.62 33.92 -21.45
N ASN A 423 -15.78 34.05 -20.43
CA ASN A 423 -15.72 35.25 -19.56
C ASN A 423 -17.10 35.51 -18.95
N THR A 424 -17.87 34.44 -18.70
CA THR A 424 -19.26 34.47 -18.17
C THR A 424 -19.30 33.64 -16.89
N ALA A 425 -19.19 34.31 -15.73
CA ALA A 425 -19.14 33.69 -14.38
C ALA A 425 -20.55 33.59 -13.81
N VAL A 426 -21.11 32.38 -13.77
CA VAL A 426 -22.42 32.10 -13.11
C VAL A 426 -22.30 32.53 -11.64
N ARG A 427 -23.28 33.31 -11.16
CA ARG A 427 -23.33 33.85 -9.77
C ARG A 427 -24.48 33.19 -9.01
N GLN A 428 -25.60 32.92 -9.69
CA GLN A 428 -26.84 32.39 -9.05
C GLN A 428 -27.55 31.43 -10.01
N VAL A 429 -28.02 30.30 -9.48
CA VAL A 429 -28.82 29.28 -10.23
C VAL A 429 -30.20 29.19 -9.57
N ARG A 430 -31.25 29.58 -10.30
CA ARG A 430 -32.66 29.56 -9.85
C ARG A 430 -33.40 28.44 -10.60
N TYR A 431 -34.12 27.59 -9.86
CA TYR A 431 -34.84 26.42 -10.41
C TYR A 431 -36.20 26.30 -9.71
N THR A 432 -37.26 26.21 -10.53
CA THR A 432 -38.68 26.17 -10.08
C THR A 432 -39.43 25.14 -10.92
N ALA A 433 -40.70 24.89 -10.58
CA ALA A 433 -41.59 23.93 -11.26
C ALA A 433 -41.73 24.26 -12.75
N SER A 434 -41.64 25.54 -13.12
CA SER A 434 -41.90 26.06 -14.49
C SER A 434 -40.60 26.14 -15.31
N GLY A 435 -39.45 26.24 -14.66
CA GLY A 435 -38.13 26.28 -15.33
C GLY A 435 -37.06 26.92 -14.46
N CYS A 436 -35.97 27.38 -15.10
CA CYS A 436 -34.74 27.87 -14.42
C CYS A 436 -34.31 29.22 -14.98
N GLU A 437 -33.71 30.05 -14.13
CA GLU A 437 -32.90 31.24 -14.50
C GLU A 437 -31.46 31.03 -14.00
N VAL A 438 -30.48 31.18 -14.88
CA VAL A 438 -29.03 31.25 -14.50
C VAL A 438 -28.60 32.71 -14.63
N ILE A 439 -28.15 33.30 -13.52
CA ILE A 439 -27.68 34.71 -13.44
C ILE A 439 -26.16 34.71 -13.43
N ALA A 440 -25.53 35.20 -14.50
CA ALA A 440 -24.06 35.29 -14.67
C ALA A 440 -23.64 36.77 -14.78
N VAL A 441 -22.33 37.00 -14.78
CA VAL A 441 -21.72 38.36 -15.01
C VAL A 441 -20.53 38.19 -15.95
N ASN A 442 -20.15 39.26 -16.65
CA ASN A 442 -18.89 39.37 -17.40
C ASN A 442 -17.74 39.43 -16.38
N THR A 443 -16.74 38.56 -16.52
CA THR A 443 -15.61 38.43 -15.55
C THR A 443 -14.77 39.71 -15.57
N ARG A 444 -14.76 40.42 -16.71
CA ARG A 444 -13.94 41.64 -16.94
C ARG A 444 -14.62 42.82 -16.21
N SER A 445 -15.80 43.26 -16.67
CA SER A 445 -16.69 44.21 -15.95
C SER A 445 -17.81 43.42 -15.24
N THR A 446 -17.69 43.24 -13.92
CA THR A 446 -18.56 42.34 -13.10
C THR A 446 -19.99 42.90 -13.00
N SER A 447 -20.20 44.17 -13.37
CA SER A 447 -21.51 44.87 -13.29
C SER A 447 -22.40 44.50 -14.48
N GLN A 448 -21.81 44.17 -15.64
CA GLN A 448 -22.52 43.61 -16.83
C GLN A 448 -23.15 42.27 -16.43
N THR A 449 -24.46 42.27 -16.17
CA THR A 449 -25.24 41.12 -15.64
C THR A 449 -25.99 40.46 -16.80
N PHE A 450 -26.11 39.12 -16.77
CA PHE A 450 -26.80 38.30 -17.80
C PHE A 450 -27.79 37.35 -17.10
N ILE A 451 -28.96 37.18 -17.72
CA ILE A 451 -30.00 36.21 -17.28
C ILE A 451 -30.21 35.23 -18.43
N TYR A 452 -30.03 33.94 -18.18
CA TYR A 452 -30.32 32.84 -19.14
C TYR A 452 -31.51 32.05 -18.60
N LYS A 453 -32.58 31.96 -19.40
CA LYS A 453 -33.82 31.23 -19.06
C LYS A 453 -33.79 29.89 -19.81
N CYS A 454 -34.01 28.79 -19.09
CA CYS A 454 -33.88 27.40 -19.62
C CYS A 454 -34.87 26.47 -18.92
N ASP A 455 -35.15 25.33 -19.57
CA ASP A 455 -35.95 24.21 -19.02
C ASP A 455 -35.12 23.45 -17.97
N ALA A 456 -33.80 23.36 -18.16
CA ALA A 456 -32.88 22.55 -17.33
C ALA A 456 -31.51 23.23 -17.22
N VAL A 457 -30.86 23.09 -16.06
CA VAL A 457 -29.44 23.49 -15.81
C VAL A 457 -28.61 22.23 -15.54
N LEU A 458 -27.53 22.05 -16.30
CA LEU A 458 -26.48 21.04 -16.01
C LEU A 458 -25.33 21.75 -15.31
N CYS A 459 -25.11 21.43 -14.03
CA CYS A 459 -24.00 21.96 -13.19
C CYS A 459 -22.78 21.05 -13.32
N THR A 460 -21.69 21.53 -13.94
CA THR A 460 -20.38 20.84 -13.99
C THR A 460 -19.35 21.65 -13.19
N LEU A 461 -19.80 22.51 -12.27
CA LEU A 461 -18.93 23.25 -11.32
C LEU A 461 -18.07 22.23 -10.58
N PRO A 462 -16.73 22.43 -10.48
CA PRO A 462 -15.88 21.53 -9.71
C PRO A 462 -16.31 21.45 -8.24
N LEU A 463 -16.02 20.32 -7.59
CA LEU A 463 -16.35 20.07 -6.16
C LEU A 463 -15.73 21.20 -5.31
N GLY A 464 -14.54 21.65 -5.69
CA GLY A 464 -13.85 22.79 -5.05
C GLY A 464 -14.72 24.03 -5.01
N VAL A 465 -15.43 24.33 -6.10
CA VAL A 465 -16.33 25.51 -6.22
C VAL A 465 -17.59 25.26 -5.38
N LEU A 466 -18.20 24.08 -5.51
CA LEU A 466 -19.43 23.71 -4.76
C LEU A 466 -19.13 23.78 -3.24
N LYS A 467 -17.88 23.51 -2.85
CA LYS A 467 -17.43 23.50 -1.43
C LYS A 467 -17.22 24.93 -0.92
N GLN A 468 -16.82 25.85 -1.80
CA GLN A 468 -16.41 27.25 -1.45
C GLN A 468 -17.44 27.84 -0.46
N GLN A 469 -16.95 28.33 0.69
CA GLN A 469 -17.74 29.04 1.73
C GLN A 469 -16.98 30.32 2.12
N PRO A 470 -17.56 31.52 1.89
CA PRO A 470 -18.94 31.67 1.43
C PRO A 470 -19.07 31.37 -0.07
N PRO A 471 -20.27 30.98 -0.55
CA PRO A 471 -20.42 30.39 -1.88
C PRO A 471 -20.12 31.37 -3.03
N ALA A 472 -19.36 30.90 -4.03
CA ALA A 472 -19.16 31.58 -5.33
C ALA A 472 -20.48 31.59 -6.11
N VAL A 473 -21.25 30.49 -6.03
CA VAL A 473 -22.56 30.31 -6.72
C VAL A 473 -23.64 30.04 -5.67
N GLN A 474 -24.72 30.83 -5.72
CA GLN A 474 -25.91 30.67 -4.85
C GLN A 474 -26.97 29.88 -5.60
N PHE A 475 -27.54 28.86 -4.97
CA PHE A 475 -28.66 28.05 -5.50
C PHE A 475 -29.95 28.53 -4.83
N VAL A 476 -30.98 28.79 -5.63
CA VAL A 476 -32.31 29.30 -5.16
C VAL A 476 -33.40 28.46 -5.78
N PRO A 477 -34.11 27.61 -5.00
CA PRO A 477 -33.87 27.48 -3.55
C PRO A 477 -32.55 26.78 -3.24
N PRO A 478 -32.06 26.85 -1.98
CA PRO A 478 -30.80 26.21 -1.60
C PRO A 478 -30.84 24.70 -1.86
N LEU A 479 -29.70 24.11 -2.20
CA LEU A 479 -29.55 22.65 -2.41
C LEU A 479 -29.97 21.93 -1.12
N PRO A 480 -30.63 20.76 -1.21
CA PRO A 480 -31.02 19.99 -0.01
C PRO A 480 -29.83 19.57 0.87
N GLU A 481 -30.10 19.25 2.13
CA GLU A 481 -29.08 18.81 3.12
C GLU A 481 -28.33 17.60 2.56
N TRP A 482 -29.03 16.68 1.87
CA TRP A 482 -28.42 15.41 1.38
C TRP A 482 -27.35 15.71 0.32
N LYS A 483 -27.51 16.80 -0.45
CA LYS A 483 -26.53 17.23 -1.47
C LYS A 483 -25.37 17.97 -0.78
N THR A 484 -25.66 18.92 0.11
CA THR A 484 -24.64 19.82 0.73
C THR A 484 -23.74 19.02 1.68
N SER A 485 -24.31 18.01 2.35
CA SER A 485 -23.60 17.07 3.25
C SER A 485 -22.58 16.25 2.46
N ALA A 486 -22.98 15.74 1.28
CA ALA A 486 -22.10 15.02 0.34
C ALA A 486 -20.94 15.93 -0.07
N VAL A 487 -21.24 17.17 -0.46
CA VAL A 487 -20.23 18.17 -0.92
C VAL A 487 -19.23 18.38 0.23
N GLN A 488 -19.74 18.61 1.44
CA GLN A 488 -18.93 18.86 2.66
C GLN A 488 -18.06 17.63 2.96
N ARG A 489 -18.64 16.43 2.91
CA ARG A 489 -17.97 15.15 3.26
C ARG A 489 -16.83 14.85 2.30
N MET A 490 -17.06 15.02 1.00
CA MET A 490 -16.14 14.56 -0.07
C MET A 490 -14.84 15.35 -0.02
N GLY A 491 -13.75 14.72 -0.47
CA GLY A 491 -12.41 15.32 -0.53
C GLY A 491 -12.20 15.99 -1.87
N PHE A 492 -11.68 17.21 -1.87
CA PHE A 492 -11.17 17.89 -3.09
C PHE A 492 -9.70 18.21 -2.88
N GLY A 493 -8.86 17.56 -3.66
CA GLY A 493 -7.40 17.56 -3.47
C GLY A 493 -6.72 18.71 -4.17
N ASN A 494 -5.40 18.76 -4.08
CA ASN A 494 -4.51 19.77 -4.71
C ASN A 494 -3.25 19.04 -5.19
N LEU A 495 -2.74 19.46 -6.34
CA LEU A 495 -1.53 18.93 -6.99
C LEU A 495 -1.08 19.99 -8.00
N ASN A 496 0.18 20.42 -7.93
CA ASN A 496 0.69 21.54 -8.78
C ASN A 496 1.83 21.04 -9.66
N LYS A 497 2.07 21.75 -10.76
CA LYS A 497 3.08 21.41 -11.79
C LYS A 497 3.97 22.65 -12.02
N VAL A 498 5.28 22.43 -12.09
CA VAL A 498 6.29 23.47 -12.45
C VAL A 498 6.84 23.10 -13.84
N VAL A 499 6.56 23.94 -14.84
CA VAL A 499 7.01 23.73 -16.25
C VAL A 499 8.35 24.45 -16.42
N LEU A 500 9.40 23.69 -16.76
CA LEU A 500 10.80 24.20 -16.97
C LEU A 500 11.19 23.98 -18.43
N CYS A 501 11.23 25.06 -19.21
CA CYS A 501 11.61 25.07 -20.65
C CYS A 501 13.07 25.55 -20.79
N PHE A 502 13.93 24.68 -21.32
CA PHE A 502 15.38 24.95 -21.54
C PHE A 502 15.64 25.03 -23.05
N ASP A 503 16.89 25.31 -23.44
CA ASP A 503 17.34 25.40 -24.86
C ASP A 503 17.95 24.07 -25.31
N ARG A 504 18.41 23.22 -24.38
CA ARG A 504 19.06 21.92 -24.68
C ARG A 504 18.68 20.87 -23.62
N VAL A 505 18.62 19.61 -24.04
CA VAL A 505 18.32 18.41 -23.18
C VAL A 505 19.61 17.99 -22.45
N PHE A 506 19.62 18.06 -21.12
CA PHE A 506 20.77 17.67 -20.26
C PHE A 506 20.45 16.40 -19.46
N TRP A 507 19.32 15.75 -19.74
CA TRP A 507 18.81 14.55 -19.00
C TRP A 507 18.79 13.35 -19.96
N ASP A 508 18.53 12.16 -19.43
CA ASP A 508 18.48 10.89 -20.20
C ASP A 508 17.17 10.86 -21.01
N PRO A 509 17.23 10.99 -22.36
CA PRO A 509 16.02 10.96 -23.18
C PRO A 509 15.23 9.64 -23.15
N SER A 510 15.89 8.52 -22.81
CA SER A 510 15.28 7.16 -22.74
C SER A 510 14.46 6.99 -21.46
N VAL A 511 14.66 7.89 -20.48
CA VAL A 511 13.97 7.88 -19.15
C VAL A 511 12.96 9.04 -19.12
N ASN A 512 11.67 8.71 -19.02
CA ASN A 512 10.52 9.68 -19.03
C ASN A 512 10.33 10.28 -17.63
N LEU A 513 10.60 9.49 -16.59
CA LEU A 513 10.31 9.80 -15.17
C LEU A 513 11.59 9.68 -14.35
N PHE A 514 11.84 10.63 -13.45
CA PHE A 514 12.92 10.52 -12.42
C PHE A 514 12.50 11.31 -11.18
N GLY A 515 12.69 10.70 -10.01
CA GLY A 515 12.27 11.24 -8.71
C GLY A 515 13.41 11.89 -7.95
N HIS A 516 13.08 12.81 -7.04
CA HIS A 516 13.98 13.44 -6.05
C HIS A 516 13.43 13.14 -4.65
N VAL A 517 14.24 12.56 -3.75
CA VAL A 517 13.83 12.21 -2.37
C VAL A 517 13.97 13.47 -1.50
N GLY A 518 12.91 13.80 -0.74
CA GLY A 518 12.88 14.98 0.15
C GLY A 518 13.74 14.78 1.37
N SER A 519 14.28 15.86 1.92
CA SER A 519 15.09 15.88 3.17
C SER A 519 14.27 15.30 4.33
N THR A 520 13.06 15.82 4.53
CA THR A 520 12.15 15.48 5.66
C THR A 520 10.83 14.90 5.13
N THR A 521 10.00 14.38 6.03
CA THR A 521 8.62 13.91 5.79
C THR A 521 7.75 15.09 5.34
N ALA A 522 7.83 16.21 6.06
CA ALA A 522 7.06 17.45 5.83
C ALA A 522 7.20 17.94 4.38
N SER A 523 8.35 17.69 3.75
CA SER A 523 8.70 18.21 2.39
C SER A 523 8.77 17.08 1.36
N ARG A 524 8.16 15.92 1.65
CA ARG A 524 8.29 14.72 0.78
C ARG A 524 7.61 14.96 -0.57
N GLY A 525 6.55 15.77 -0.61
CA GLY A 525 5.78 16.06 -1.83
C GLY A 525 6.46 17.10 -2.71
N GLU A 526 7.34 17.91 -2.14
CA GLU A 526 7.92 19.14 -2.77
C GLU A 526 8.89 18.74 -3.90
N LEU A 527 8.44 18.84 -5.16
CA LEU A 527 9.26 18.60 -6.38
C LEU A 527 9.84 17.18 -6.33
N PHE A 528 9.04 16.23 -5.86
CA PHE A 528 9.42 14.80 -5.64
C PHE A 528 9.56 14.07 -6.99
N LEU A 529 8.97 14.59 -8.07
CA LEU A 529 8.97 13.89 -9.39
C LEU A 529 9.17 14.88 -10.53
N PHE A 530 9.91 14.46 -11.56
CA PHE A 530 10.19 15.22 -12.81
C PHE A 530 9.75 14.38 -14.02
N TRP A 531 9.01 15.01 -14.93
CA TRP A 531 8.42 14.39 -16.15
C TRP A 531 9.15 14.90 -17.39
N ASN A 532 9.58 13.99 -18.26
CA ASN A 532 10.18 14.28 -19.59
C ASN A 532 9.45 13.43 -20.63
N LEU A 533 8.35 13.93 -21.20
CA LEU A 533 7.56 13.19 -22.22
C LEU A 533 7.25 14.07 -23.44
N TYR A 534 7.84 15.27 -23.51
CA TYR A 534 7.56 16.26 -24.58
C TYR A 534 8.74 16.31 -25.56
N LYS A 535 8.44 16.64 -26.82
CA LYS A 535 9.40 16.68 -27.96
C LYS A 535 10.48 17.72 -27.66
N ALA A 536 10.06 18.92 -27.25
CA ALA A 536 10.91 20.05 -26.83
C ALA A 536 11.64 19.70 -25.53
N PRO A 537 12.69 20.47 -25.16
CA PRO A 537 13.40 20.27 -23.90
C PRO A 537 12.66 20.93 -22.72
N ILE A 538 11.64 20.25 -22.19
CA ILE A 538 10.80 20.71 -21.05
C ILE A 538 10.84 19.65 -19.96
N LEU A 539 11.06 20.08 -18.71
CA LEU A 539 10.94 19.22 -17.50
C LEU A 539 9.76 19.73 -16.66
N LEU A 540 8.86 18.82 -16.29
CA LEU A 540 7.65 19.13 -15.49
C LEU A 540 7.83 18.53 -14.08
N ALA A 541 7.90 19.39 -13.06
CA ALA A 541 8.08 18.99 -11.64
C ALA A 541 6.74 19.04 -10.91
N LEU A 542 6.36 17.94 -10.24
CA LEU A 542 5.11 17.86 -9.43
C LEU A 542 5.37 18.41 -8.03
N VAL A 543 4.39 19.11 -7.46
CA VAL A 543 4.33 19.51 -6.02
C VAL A 543 3.09 18.85 -5.40
N ALA A 544 3.28 17.78 -4.64
CA ALA A 544 2.21 16.91 -4.12
C ALA A 544 2.09 17.05 -2.60
N GLY A 545 1.16 16.30 -1.99
CA GLY A 545 0.98 16.19 -0.53
C GLY A 545 0.75 17.55 0.13
N GLU A 546 1.19 17.68 1.38
CA GLU A 546 1.04 18.91 2.21
C GLU A 546 1.76 20.09 1.53
N ALA A 547 2.79 19.79 0.73
CA ALA A 547 3.66 20.78 0.05
C ALA A 547 2.87 21.63 -0.95
N ALA A 548 1.87 21.03 -1.62
CA ALA A 548 1.06 21.68 -2.68
C ALA A 548 0.46 23.00 -2.16
N GLY A 549 -0.32 22.93 -1.08
CA GLY A 549 -1.00 24.08 -0.48
C GLY A 549 -0.03 25.17 -0.04
N ILE A 550 1.10 24.77 0.56
CA ILE A 550 2.13 25.68 1.14
C ILE A 550 2.92 26.37 0.01
N MET A 551 3.26 25.63 -1.04
CA MET A 551 4.13 26.11 -2.16
C MET A 551 3.37 27.12 -3.02
N GLU A 552 2.05 27.23 -2.88
CA GLU A 552 1.20 28.20 -3.64
C GLU A 552 1.40 29.62 -3.08
N ASN A 553 1.87 29.74 -1.82
CA ASN A 553 2.13 31.04 -1.15
C ASN A 553 3.63 31.41 -1.26
N ILE A 554 4.32 30.87 -2.28
CA ILE A 554 5.78 31.11 -2.53
C ILE A 554 5.95 31.44 -4.01
N SER A 555 6.75 32.47 -4.32
CA SER A 555 6.92 33.08 -5.67
C SER A 555 7.49 32.04 -6.65
N ASP A 556 7.22 32.23 -7.94
CA ASP A 556 7.64 31.32 -9.04
C ASP A 556 9.17 31.24 -9.07
N ASP A 557 9.85 32.37 -8.80
CA ASP A 557 11.33 32.49 -8.81
C ASP A 557 11.94 31.51 -7.80
N VAL A 558 11.47 31.56 -6.54
CA VAL A 558 11.93 30.66 -5.44
C VAL A 558 11.70 29.20 -5.86
N ILE A 559 10.52 28.89 -6.41
CA ILE A 559 10.10 27.50 -6.81
C ILE A 559 10.99 27.03 -7.96
N VAL A 560 11.19 27.86 -8.98
CA VAL A 560 12.12 27.57 -10.11
C VAL A 560 13.53 27.42 -9.50
N GLY A 561 13.87 28.26 -8.52
CA GLY A 561 15.12 28.19 -7.74
C GLY A 561 15.33 26.80 -7.17
N ARG A 562 14.41 26.35 -6.30
CA ARG A 562 14.48 25.03 -5.60
C ARG A 562 14.55 23.90 -6.63
N CYS A 563 13.93 24.07 -7.81
CA CYS A 563 13.92 23.08 -8.91
C CYS A 563 15.34 22.91 -9.48
N LEU A 564 15.99 24.03 -9.84
CA LEU A 564 17.33 24.06 -10.46
C LEU A 564 18.35 23.45 -9.49
N ALA A 565 18.31 23.89 -8.23
CA ALA A 565 19.11 23.32 -7.11
C ALA A 565 19.09 21.80 -7.18
N ILE A 566 17.89 21.20 -7.17
CA ILE A 566 17.66 19.73 -7.14
C ILE A 566 18.23 19.10 -8.42
N LEU A 567 18.03 19.74 -9.57
CA LEU A 567 18.51 19.25 -10.89
C LEU A 567 20.04 19.34 -10.96
N LYS A 568 20.62 20.46 -10.49
CA LYS A 568 22.09 20.66 -10.36
C LYS A 568 22.69 19.49 -9.57
N GLY A 569 22.13 19.19 -8.40
CA GLY A 569 22.52 18.06 -7.53
C GLY A 569 22.66 16.76 -8.31
N ILE A 570 21.79 16.53 -9.31
CA ILE A 570 21.66 15.23 -10.03
C ILE A 570 22.50 15.25 -11.31
N PHE A 571 22.67 16.41 -11.96
CA PHE A 571 23.32 16.53 -13.29
C PHE A 571 24.57 17.43 -13.26
N GLY A 572 24.79 18.19 -12.18
CA GLY A 572 25.97 19.07 -12.00
C GLY A 572 25.74 20.46 -12.58
N SER A 573 26.28 21.49 -11.90
CA SER A 573 26.02 22.94 -12.15
C SER A 573 26.24 23.31 -13.63
N SER A 574 27.23 22.70 -14.28
CA SER A 574 27.63 23.00 -15.69
C SER A 574 26.54 22.54 -16.67
N ALA A 575 25.75 21.52 -16.31
CA ALA A 575 24.76 20.85 -17.19
C ALA A 575 23.41 21.61 -17.18
N VAL A 576 23.03 22.20 -16.04
CA VAL A 576 21.70 22.84 -15.81
C VAL A 576 21.79 24.32 -16.16
N PRO A 577 21.24 24.76 -17.33
CA PRO A 577 21.19 26.19 -17.66
C PRO A 577 20.00 26.86 -16.96
N GLN A 578 19.87 28.19 -17.11
CA GLN A 578 18.66 28.94 -16.69
C GLN A 578 17.54 28.60 -17.68
N PRO A 579 16.29 28.39 -17.22
CA PRO A 579 15.18 28.06 -18.12
C PRO A 579 14.72 29.28 -18.94
N LYS A 580 14.42 29.06 -20.23
CA LYS A 580 13.91 30.11 -21.16
C LYS A 580 12.52 30.58 -20.71
N GLU A 581 11.63 29.63 -20.43
CA GLU A 581 10.23 29.87 -19.99
C GLU A 581 9.89 28.95 -18.81
N THR A 582 9.21 29.50 -17.79
CA THR A 582 8.74 28.77 -16.59
C THR A 582 7.27 29.12 -16.30
N VAL A 583 6.47 28.12 -15.91
CA VAL A 583 5.07 28.28 -15.42
C VAL A 583 4.91 27.46 -14.14
N VAL A 584 4.15 27.99 -13.18
CA VAL A 584 3.82 27.31 -11.89
C VAL A 584 2.30 27.35 -11.69
N SER A 585 1.65 26.18 -11.77
CA SER A 585 0.19 26.00 -11.47
C SER A 585 -0.07 26.33 -10.00
N ARG A 586 -1.22 26.95 -9.71
CA ARG A 586 -1.71 27.24 -8.33
C ARG A 586 -3.22 26.94 -8.30
N TRP A 587 -3.57 25.66 -8.27
CA TRP A 587 -4.93 25.13 -8.55
C TRP A 587 -5.88 25.41 -7.38
N ARG A 588 -5.38 25.41 -6.14
CA ARG A 588 -6.23 25.66 -4.94
C ARG A 588 -6.66 27.13 -4.94
N ALA A 589 -5.82 28.02 -5.46
CA ALA A 589 -6.07 29.49 -5.51
C ALA A 589 -6.93 29.85 -6.73
N ASP A 590 -6.88 29.03 -7.78
CA ASP A 590 -7.72 29.19 -9.00
C ASP A 590 -9.18 29.16 -8.58
N PRO A 591 -9.92 30.30 -8.71
CA PRO A 591 -11.30 30.36 -8.23
C PRO A 591 -12.33 29.58 -9.07
N TRP A 592 -11.92 29.04 -10.23
CA TRP A 592 -12.77 28.23 -11.14
C TRP A 592 -12.43 26.73 -11.00
N ALA A 593 -11.66 26.38 -9.96
CA ALA A 593 -11.25 25.00 -9.64
C ALA A 593 -11.29 24.79 -8.12
N ARG A 594 -10.54 25.62 -7.37
CA ARG A 594 -10.41 25.56 -5.90
C ARG A 594 -9.77 24.22 -5.49
N GLY A 595 -8.86 23.71 -6.33
CA GLY A 595 -8.19 22.41 -6.14
C GLY A 595 -8.01 21.66 -7.46
N SER A 596 -7.39 20.48 -7.39
CA SER A 596 -6.95 19.68 -8.57
C SER A 596 -8.03 18.68 -8.98
N TYR A 597 -8.35 17.72 -8.11
CA TYR A 597 -9.43 16.72 -8.34
C TYR A 597 -9.81 16.02 -7.05
N SER A 598 -10.96 15.33 -7.09
CA SER A 598 -11.61 14.66 -5.92
C SER A 598 -10.72 13.54 -5.39
N TYR A 599 -10.84 13.25 -4.10
CA TYR A 599 -10.34 12.03 -3.42
C TYR A 599 -11.42 11.53 -2.45
N VAL A 600 -11.39 10.25 -2.10
CA VAL A 600 -12.37 9.66 -1.15
C VAL A 600 -11.84 9.97 0.25
N ALA A 601 -12.35 11.04 0.86
CA ALA A 601 -11.92 11.56 2.18
C ALA A 601 -12.39 10.59 3.26
N ALA A 602 -11.63 10.49 4.36
CA ALA A 602 -12.05 9.77 5.58
C ALA A 602 -13.44 10.29 5.97
N GLY A 603 -14.42 9.40 6.07
CA GLY A 603 -15.82 9.75 6.40
C GLY A 603 -16.71 9.77 5.17
N SER A 604 -16.13 9.68 3.96
CA SER A 604 -16.84 9.61 2.66
C SER A 604 -16.74 8.18 2.12
N SER A 605 -17.38 7.94 0.97
CA SER A 605 -17.39 6.64 0.24
C SER A 605 -17.73 6.89 -1.23
N GLY A 606 -17.80 5.83 -2.04
CA GLY A 606 -18.24 5.91 -3.44
C GLY A 606 -19.68 6.38 -3.53
N ASN A 607 -20.45 6.16 -2.46
CA ASN A 607 -21.90 6.47 -2.38
C ASN A 607 -22.15 7.97 -2.51
N ASP A 608 -21.21 8.81 -2.05
CA ASP A 608 -21.33 10.30 -2.10
C ASP A 608 -21.21 10.77 -3.55
N TYR A 609 -20.42 10.07 -4.37
CA TYR A 609 -20.24 10.36 -5.82
C TYR A 609 -21.60 10.18 -6.51
N ASP A 610 -22.39 9.18 -6.07
CA ASP A 610 -23.74 8.91 -6.59
C ASP A 610 -24.72 9.98 -6.12
N LEU A 611 -24.60 10.41 -4.85
CA LEU A 611 -25.40 11.53 -4.31
C LEU A 611 -25.11 12.80 -5.13
N MET A 612 -23.85 13.06 -5.46
CA MET A 612 -23.45 14.26 -6.26
C MET A 612 -24.11 14.19 -7.65
N ALA A 613 -24.26 12.99 -8.22
CA ALA A 613 -24.80 12.78 -9.59
C ALA A 613 -26.34 12.92 -9.61
N GLN A 614 -26.99 12.82 -8.45
CA GLN A 614 -28.47 12.82 -8.33
C GLN A 614 -29.02 14.20 -8.65
N PRO A 615 -29.99 14.33 -9.59
CA PRO A 615 -30.57 15.63 -9.93
C PRO A 615 -31.55 16.15 -8.87
N ILE A 616 -31.73 17.47 -8.81
CA ILE A 616 -32.66 18.16 -7.87
C ILE A 616 -34.00 18.39 -8.59
N THR A 617 -35.10 18.03 -7.93
CA THR A 617 -36.49 18.35 -8.36
C THR A 617 -37.00 19.44 -7.45
N PRO A 618 -37.43 20.61 -8.01
CA PRO A 618 -37.97 21.69 -7.18
C PRO A 618 -39.35 21.32 -6.62
N GLY A 619 -39.79 22.02 -5.58
CA GLY A 619 -41.18 21.94 -5.06
C GLY A 619 -42.17 22.50 -6.08
N PRO A 620 -43.49 22.25 -5.90
CA PRO A 620 -44.50 22.80 -6.80
C PRO A 620 -44.65 24.31 -6.60
N SER A 621 -45.03 25.05 -7.64
CA SER A 621 -45.27 26.52 -7.62
C SER A 621 -46.49 26.82 -6.72
N ILE A 622 -47.70 26.58 -7.25
CA ILE A 622 -48.96 26.53 -6.44
C ILE A 622 -48.97 25.20 -5.70
N PRO A 623 -49.33 25.15 -4.39
CA PRO A 623 -49.32 23.90 -3.64
C PRO A 623 -50.56 23.07 -3.98
N GLY A 624 -50.48 21.75 -3.76
CA GLY A 624 -51.48 20.76 -4.22
C GLY A 624 -51.40 20.54 -5.72
N ALA A 625 -50.27 20.90 -6.33
CA ALA A 625 -49.98 20.73 -7.78
C ALA A 625 -49.07 19.52 -7.95
N PRO A 626 -49.17 18.80 -9.09
CA PRO A 626 -48.47 17.53 -9.24
C PRO A 626 -46.95 17.70 -9.14
N GLN A 627 -46.29 16.69 -8.57
CA GLN A 627 -44.82 16.50 -8.47
C GLN A 627 -44.13 17.04 -9.73
N PRO A 628 -43.35 18.14 -9.64
CA PRO A 628 -42.63 18.66 -10.81
C PRO A 628 -41.59 17.66 -11.34
N ILE A 629 -41.05 17.96 -12.52
CA ILE A 629 -39.96 17.19 -13.16
C ILE A 629 -38.62 17.74 -12.67
N PRO A 630 -37.51 16.96 -12.75
CA PRO A 630 -36.19 17.43 -12.31
C PRO A 630 -35.65 18.53 -13.23
N ARG A 631 -34.99 19.53 -12.65
CA ARG A 631 -34.59 20.79 -13.33
C ARG A 631 -33.08 20.98 -13.28
N LEU A 632 -32.45 20.62 -12.15
CA LEU A 632 -31.01 20.87 -11.86
C LEU A 632 -30.25 19.55 -11.85
N PHE A 633 -29.37 19.35 -12.82
CA PHE A 633 -28.60 18.10 -13.06
C PHE A 633 -27.12 18.37 -12.77
N PHE A 634 -26.35 17.32 -12.47
CA PHE A 634 -24.93 17.44 -12.08
C PHE A 634 -24.07 16.42 -12.84
N ALA A 635 -22.98 16.91 -13.43
CA ALA A 635 -21.92 16.11 -14.09
C ALA A 635 -20.57 16.61 -13.60
N GLY A 636 -19.49 15.93 -14.02
CA GLY A 636 -18.11 16.22 -13.60
C GLY A 636 -17.50 15.04 -12.86
N GLU A 637 -16.17 15.06 -12.74
CA GLU A 637 -15.34 13.94 -12.21
C GLU A 637 -15.81 13.53 -10.80
N HIS A 638 -16.32 14.48 -10.01
CA HIS A 638 -16.84 14.23 -8.62
C HIS A 638 -18.22 13.57 -8.64
N THR A 639 -18.81 13.29 -9.81
CA THR A 639 -20.16 12.71 -9.95
C THR A 639 -20.10 11.28 -10.48
N ILE A 640 -18.90 10.78 -10.82
CA ILE A 640 -18.75 9.43 -11.43
C ILE A 640 -17.91 8.53 -10.52
N ARG A 641 -18.61 7.79 -9.68
CA ARG A 641 -18.13 6.84 -8.65
C ARG A 641 -17.03 5.91 -9.19
N ASN A 642 -17.16 5.40 -10.41
CA ASN A 642 -16.32 4.31 -10.96
C ASN A 642 -15.06 4.86 -11.65
N TYR A 643 -15.02 6.14 -12.02
CA TYR A 643 -13.89 6.77 -12.75
C TYR A 643 -13.62 8.17 -12.24
N PRO A 644 -13.61 8.40 -10.90
CA PRO A 644 -13.47 9.75 -10.36
C PRO A 644 -12.08 10.35 -10.66
N ALA A 645 -11.99 11.67 -10.62
CA ALA A 645 -10.73 12.45 -10.69
C ALA A 645 -10.00 12.21 -12.02
N THR A 646 -10.71 11.93 -13.10
CA THR A 646 -10.11 11.65 -14.44
C THR A 646 -10.86 12.42 -15.53
N VAL A 647 -10.23 12.57 -16.70
CA VAL A 647 -10.82 13.18 -17.93
C VAL A 647 -11.90 12.24 -18.47
N HIS A 648 -11.60 10.94 -18.57
CA HIS A 648 -12.57 9.92 -19.04
C HIS A 648 -13.78 9.89 -18.10
N GLY A 649 -13.57 10.06 -16.79
CA GLY A 649 -14.65 10.17 -15.80
C GLY A 649 -15.56 11.35 -16.10
N ALA A 650 -14.96 12.53 -16.31
CA ALA A 650 -15.66 13.77 -16.66
C ALA A 650 -16.50 13.53 -17.92
N LEU A 651 -15.86 13.03 -18.98
CA LEU A 651 -16.50 12.75 -20.30
C LEU A 651 -17.70 11.83 -20.09
N LEU A 652 -17.52 10.71 -19.39
CA LEU A 652 -18.59 9.70 -19.16
C LEU A 652 -19.74 10.35 -18.38
N SER A 653 -19.43 11.22 -17.41
CA SER A 653 -20.43 11.91 -16.55
C SER A 653 -21.29 12.84 -17.40
N GLY A 654 -20.67 13.54 -18.35
CA GLY A 654 -21.36 14.39 -19.34
C GLY A 654 -22.34 13.58 -20.18
N LEU A 655 -21.85 12.49 -20.77
CA LEU A 655 -22.65 11.60 -21.66
C LEU A 655 -23.87 11.09 -20.87
N ARG A 656 -23.65 10.69 -19.61
CA ARG A 656 -24.70 10.18 -18.68
C ARG A 656 -25.81 11.22 -18.51
N GLU A 657 -25.46 12.47 -18.20
CA GLU A 657 -26.41 13.56 -17.89
C GLU A 657 -27.16 13.97 -19.16
N ALA A 658 -26.49 13.97 -20.32
CA ALA A 658 -27.12 14.24 -21.62
C ALA A 658 -28.26 13.25 -21.83
N GLY A 659 -28.02 11.96 -21.58
CA GLY A 659 -29.02 10.88 -21.72
C GLY A 659 -30.17 11.03 -20.73
N ARG A 660 -29.85 11.38 -19.48
CA ARG A 660 -30.84 11.58 -18.37
C ARG A 660 -31.73 12.78 -18.72
N ILE A 661 -31.14 13.86 -19.23
CA ILE A 661 -31.85 15.12 -19.62
C ILE A 661 -32.71 14.87 -20.86
N ALA A 662 -32.15 14.25 -21.90
CA ALA A 662 -32.88 13.88 -23.14
C ALA A 662 -34.08 13.01 -22.78
N ASP A 663 -33.86 11.93 -22.02
CA ASP A 663 -34.93 11.01 -21.55
C ASP A 663 -36.07 11.84 -20.93
N GLN A 664 -35.73 12.85 -20.14
CA GLN A 664 -36.69 13.68 -19.36
C GLN A 664 -37.49 14.60 -20.29
N PHE A 665 -36.82 15.35 -21.15
CA PHE A 665 -37.36 16.53 -21.86
C PHE A 665 -37.74 16.19 -23.31
N LEU A 666 -37.24 15.09 -23.88
CA LEU A 666 -37.58 14.62 -25.25
C LEU A 666 -38.35 13.30 -25.17
N GLY A 667 -38.39 12.64 -24.02
CA GLY A 667 -39.01 11.32 -23.82
C GLY A 667 -38.09 10.20 -24.27
N ALA A 668 -38.18 9.03 -23.61
CA ALA A 668 -37.35 7.82 -23.87
C ALA A 668 -37.98 6.99 -24.99
N LYS B 9 -3.64 -14.41 7.07
CA LYS B 9 -3.99 -13.62 5.87
C LYS B 9 -3.09 -12.38 5.68
N PRO B 10 -2.32 -11.86 6.68
CA PRO B 10 -1.53 -10.65 6.44
C PRO B 10 -0.39 -10.92 5.45
N PRO B 11 0.19 -9.87 4.83
CA PRO B 11 1.31 -10.07 3.89
C PRO B 11 2.55 -10.63 4.60
N LYS B 12 3.39 -11.37 3.85
CA LYS B 12 4.69 -11.90 4.34
C LYS B 12 5.62 -10.72 4.64
N GLY B 13 6.24 -10.71 5.83
CA GLY B 13 7.13 -9.63 6.29
C GLY B 13 6.36 -8.53 7.03
N MET B 14 5.10 -8.80 7.38
CA MET B 14 4.20 -7.89 8.13
C MET B 14 3.56 -8.70 9.27
N PHE B 15 3.52 -8.15 10.48
CA PHE B 15 2.94 -8.79 11.69
C PHE B 15 1.88 -7.86 12.30
N LEU B 16 0.61 -8.25 12.19
CA LEU B 16 -0.57 -7.42 12.56
C LEU B 16 -1.54 -8.26 13.39
N SER B 17 -1.29 -8.34 14.70
CA SER B 17 -2.17 -9.01 15.70
C SER B 17 -3.30 -8.04 16.11
N GLN B 18 -4.54 -8.52 16.18
CA GLN B 18 -5.71 -7.75 16.68
C GLN B 18 -5.35 -7.14 18.04
N GLU B 19 -4.84 -7.97 18.95
CA GLU B 19 -4.39 -7.60 20.32
C GLU B 19 -3.37 -6.45 20.24
N ASP B 20 -2.35 -6.60 19.38
CA ASP B 20 -1.24 -5.61 19.20
C ASP B 20 -1.83 -4.29 18.70
N VAL B 21 -2.73 -4.34 17.71
CA VAL B 21 -3.39 -3.14 17.10
C VAL B 21 -4.13 -2.36 18.19
N GLU B 22 -4.92 -3.05 19.03
CA GLU B 22 -5.72 -2.44 20.13
C GLU B 22 -4.80 -1.72 21.11
N ALA B 23 -3.65 -2.32 21.43
CA ALA B 23 -2.65 -1.81 22.41
C ALA B 23 -1.99 -0.53 21.88
N VAL B 24 -1.72 -0.47 20.58
CA VAL B 24 -1.03 0.69 19.91
C VAL B 24 -2.04 1.84 19.74
N SER B 25 -3.31 1.53 19.49
CA SER B 25 -4.40 2.51 19.18
C SER B 25 -5.10 2.98 20.47
N ALA B 26 -5.03 2.20 21.56
CA ALA B 26 -5.71 2.45 22.86
C ALA B 26 -5.56 3.92 23.27
N ASN B 27 -4.35 4.48 23.17
CA ASN B 27 -4.02 5.89 23.53
C ASN B 27 -3.25 6.51 22.36
N ALA B 28 -3.06 7.84 22.38
CA ALA B 28 -2.31 8.61 21.36
C ALA B 28 -0.79 8.42 21.55
N THR B 29 -0.36 8.23 22.80
CA THR B 29 1.06 8.03 23.20
C THR B 29 1.32 6.56 23.56
N ALA B 30 0.29 5.69 23.49
CA ALA B 30 0.35 4.25 23.82
C ALA B 30 1.45 3.57 22.99
N ALA B 31 1.53 3.88 21.70
CA ALA B 31 2.49 3.29 20.74
C ALA B 31 3.93 3.63 21.18
N THR B 32 4.23 4.92 21.32
CA THR B 32 5.56 5.46 21.73
C THR B 32 5.88 4.99 23.15
N THR B 33 4.86 4.77 23.99
CA THR B 33 4.94 4.17 25.35
C THR B 33 5.35 2.70 25.22
N VAL B 34 4.61 1.91 24.44
CA VAL B 34 4.85 0.43 24.24
C VAL B 34 6.27 0.23 23.69
N LEU B 35 6.77 1.13 22.83
CA LEU B 35 8.10 1.01 22.17
C LEU B 35 9.22 1.32 23.17
N ARG B 36 9.02 2.26 24.10
CA ARG B 36 10.04 2.60 25.13
C ARG B 36 10.09 1.50 26.20
N GLN B 37 8.95 0.88 26.51
CA GLN B 37 8.83 -0.27 27.44
C GLN B 37 9.75 -1.42 26.97
N LEU B 38 9.77 -1.66 25.66
CA LEU B 38 10.61 -2.71 25.01
C LEU B 38 12.07 -2.25 24.99
N ASP B 39 12.32 -0.96 24.75
CA ASP B 39 13.69 -0.37 24.72
C ASP B 39 14.32 -0.50 26.11
N MET B 40 13.56 -0.24 27.17
CA MET B 40 14.01 -0.38 28.59
C MET B 40 14.21 -1.87 28.91
N GLU B 41 13.25 -2.72 28.51
CA GLU B 41 13.32 -4.22 28.65
C GLU B 41 14.59 -4.75 27.97
N LEU B 42 14.96 -4.17 26.82
CA LEU B 42 16.11 -4.62 25.99
C LEU B 42 17.43 -4.23 26.68
N VAL B 43 17.49 -3.03 27.26
CA VAL B 43 18.67 -2.51 28.02
C VAL B 43 18.86 -3.40 29.26
N SER B 44 17.78 -3.72 29.96
CA SER B 44 17.74 -4.52 31.22
C SER B 44 18.22 -5.96 30.96
N VAL B 45 17.93 -6.51 29.78
CA VAL B 45 18.34 -7.90 29.39
C VAL B 45 19.80 -7.86 28.91
N LYS B 46 20.24 -6.75 28.34
CA LYS B 46 21.61 -6.58 27.77
C LYS B 46 22.63 -6.39 28.90
N ARG B 47 22.25 -5.72 29.99
CA ARG B 47 23.11 -5.51 31.18
C ARG B 47 23.17 -6.81 31.99
N GLN B 48 22.08 -7.59 32.01
CA GLN B 48 22.00 -8.90 32.69
C GLN B 48 22.94 -9.90 32.00
N ILE B 49 23.20 -9.70 30.70
CA ILE B 49 24.20 -10.51 29.92
C ILE B 49 25.61 -10.13 30.42
N GLN B 50 25.96 -8.85 30.36
CA GLN B 50 27.29 -8.32 30.78
C GLN B 50 27.65 -8.86 32.16
N ASN B 51 26.68 -8.87 33.09
CA ASN B 51 26.84 -9.33 34.49
C ASN B 51 27.20 -10.83 34.50
N ILE B 52 26.32 -11.66 33.94
CA ILE B 52 26.38 -13.16 34.05
C ILE B 52 27.51 -13.71 33.17
N LYS B 53 28.00 -12.94 32.18
CA LYS B 53 29.12 -13.38 31.30
C LYS B 53 30.46 -12.97 31.92
N GLN B 54 30.46 -11.93 32.78
CA GLN B 54 31.66 -11.54 33.59
C GLN B 54 31.76 -12.46 34.82
N THR B 55 30.63 -12.85 35.40
CA THR B 55 30.52 -13.92 36.42
C THR B 55 31.12 -15.23 35.85
N ASN B 56 30.77 -15.57 34.61
CA ASN B 56 31.19 -16.83 33.94
C ASN B 56 32.67 -16.75 33.54
N SER B 57 33.19 -15.54 33.31
CA SER B 57 34.61 -15.27 33.00
C SER B 57 35.48 -15.61 34.22
N ALA B 58 35.00 -15.26 35.43
CA ALA B 58 35.65 -15.50 36.73
C ALA B 58 35.72 -17.00 37.03
N LEU B 59 34.65 -17.75 36.73
CA LEU B 59 34.57 -19.22 36.99
C LEU B 59 35.49 -19.97 36.01
N LYS B 60 35.49 -19.57 34.73
CA LYS B 60 36.38 -20.13 33.68
C LYS B 60 37.84 -19.90 34.08
N GLU B 61 38.12 -18.82 34.82
CA GLU B 61 39.46 -18.46 35.35
C GLU B 61 39.86 -19.44 36.48
N LYS B 62 38.92 -19.76 37.38
CA LYS B 62 39.15 -20.62 38.57
C LYS B 62 39.30 -22.09 38.14
N LEU B 63 38.95 -22.44 36.90
CA LEU B 63 39.07 -23.81 36.33
C LEU B 63 40.30 -23.92 35.41
N ASP B 64 41.11 -22.85 35.32
CA ASP B 64 42.27 -22.79 34.40
C ASP B 64 43.29 -23.87 34.79
N GLY B 65 43.58 -24.79 33.86
CA GLY B 65 44.47 -25.95 34.07
C GLY B 65 43.71 -27.27 34.01
N GLY B 66 42.38 -27.23 34.15
CA GLY B 66 41.51 -28.41 34.18
C GLY B 66 41.80 -29.27 35.39
N ILE B 67 41.76 -30.60 35.22
CA ILE B 67 42.06 -31.60 36.29
C ILE B 67 43.21 -32.51 35.81
N GLU B 68 44.12 -31.97 35.01
CA GLU B 68 45.27 -32.73 34.43
C GLU B 68 46.32 -32.98 35.50
N PRO B 69 46.61 -32.03 36.42
CA PRO B 69 47.49 -32.29 37.55
C PRO B 69 47.01 -33.37 38.54
N TYR B 70 45.71 -33.67 38.55
CA TYR B 70 45.07 -34.60 39.51
C TYR B 70 44.57 -35.87 38.79
N ARG B 71 44.92 -36.02 37.51
CA ARG B 71 44.51 -37.17 36.66
C ARG B 71 45.44 -38.35 36.96
N LEU B 72 44.89 -39.53 37.25
CA LEU B 72 45.64 -40.76 37.60
C LEU B 72 45.72 -41.67 36.38
N PRO B 73 46.91 -42.27 36.08
CA PRO B 73 47.04 -43.23 34.99
C PRO B 73 46.02 -44.39 35.08
N GLU B 74 45.66 -44.94 33.92
CA GLU B 74 44.64 -46.00 33.75
C GLU B 74 45.26 -47.37 34.05
N VAL B 75 44.64 -48.16 34.93
CA VAL B 75 45.05 -49.55 35.28
C VAL B 75 44.36 -50.51 34.30
N ILE B 76 45.14 -51.36 33.63
CA ILE B 76 44.65 -52.32 32.58
C ILE B 76 44.87 -53.76 33.08
N GLN B 77 44.49 -54.04 34.33
CA GLN B 77 44.72 -55.35 35.01
C GLN B 77 43.75 -56.40 34.45
N LYS B 78 44.28 -57.57 34.07
CA LYS B 78 43.52 -58.69 33.45
C LYS B 78 42.60 -59.32 34.51
N CYS B 79 41.31 -59.43 34.20
CA CYS B 79 40.25 -60.02 35.08
C CYS B 79 40.61 -61.49 35.40
N ASN B 80 40.61 -61.85 36.69
CA ASN B 80 41.00 -63.19 37.21
C ASN B 80 39.79 -63.85 37.86
N ALA B 81 39.84 -65.18 38.05
CA ALA B 81 38.72 -66.03 38.52
C ALA B 81 38.89 -66.38 40.01
N ARG B 82 40.09 -66.82 40.42
CA ARG B 82 40.40 -67.26 41.81
C ARG B 82 40.41 -66.04 42.74
N TRP B 83 39.59 -66.09 43.81
CA TRP B 83 39.53 -65.07 44.90
C TRP B 83 40.72 -65.29 45.86
N THR B 84 41.72 -64.41 45.85
CA THR B 84 42.80 -64.36 46.87
C THR B 84 42.18 -63.83 48.17
N THR B 85 42.80 -64.10 49.31
CA THR B 85 42.36 -63.62 50.64
C THR B 85 42.39 -62.09 50.66
N GLU B 86 43.41 -61.50 50.01
CA GLU B 86 43.53 -60.03 49.79
C GLU B 86 42.22 -59.52 49.16
N GLU B 87 41.85 -60.11 48.02
CA GLU B 87 40.68 -59.71 47.20
C GLU B 87 39.39 -59.86 48.03
N GLN B 88 39.26 -60.94 48.79
CA GLN B 88 38.09 -61.19 49.69
C GLN B 88 37.98 -60.05 50.71
N LEU B 89 39.11 -59.67 51.32
CA LEU B 89 39.18 -58.62 52.37
C LEU B 89 38.89 -57.24 51.75
N LEU B 90 39.47 -56.94 50.59
CA LEU B 90 39.19 -55.68 49.84
C LEU B 90 37.68 -55.58 49.59
N ALA B 91 37.06 -56.65 49.09
CA ALA B 91 35.62 -56.75 48.76
C ALA B 91 34.79 -56.40 50.00
N VAL B 92 35.05 -57.07 51.13
CA VAL B 92 34.27 -56.90 52.39
C VAL B 92 34.32 -55.43 52.83
N GLN B 93 35.49 -54.79 52.71
CA GLN B 93 35.71 -53.35 53.05
C GLN B 93 34.97 -52.48 52.02
N ALA B 94 35.03 -52.86 50.74
CA ALA B 94 34.37 -52.18 49.61
C ALA B 94 32.85 -52.23 49.79
N ILE B 95 32.33 -53.38 50.26
CA ILE B 95 30.88 -53.57 50.58
C ILE B 95 30.50 -52.56 51.67
N ARG B 96 31.31 -52.45 52.72
CA ARG B 96 31.05 -51.58 53.90
C ARG B 96 31.03 -50.10 53.47
N LYS B 97 31.91 -49.71 52.54
CA LYS B 97 32.07 -48.29 52.10
C LYS B 97 31.01 -47.95 51.05
N TYR B 98 30.82 -48.82 50.06
CA TYR B 98 30.05 -48.54 48.81
C TYR B 98 28.67 -49.22 48.81
N GLY B 99 28.29 -49.89 49.90
CA GLY B 99 26.99 -50.57 50.04
C GLY B 99 26.82 -51.70 49.02
N ARG B 100 25.88 -51.56 48.09
CA ARG B 100 25.49 -52.61 47.11
C ARG B 100 25.93 -52.25 45.69
N ASP B 101 26.68 -51.15 45.51
CA ASP B 101 27.18 -50.71 44.18
C ASP B 101 28.27 -51.69 43.71
N PHE B 102 27.88 -52.68 42.92
CA PHE B 102 28.73 -53.82 42.48
C PHE B 102 29.85 -53.32 41.55
N GLN B 103 29.55 -52.31 40.73
CA GLN B 103 30.50 -51.71 39.76
C GLN B 103 31.67 -51.09 40.53
N ALA B 104 31.37 -50.29 41.55
CA ALA B 104 32.35 -49.62 42.44
C ALA B 104 33.24 -50.67 43.12
N ILE B 105 32.63 -51.70 43.70
CA ILE B 105 33.33 -52.81 44.43
C ILE B 105 34.31 -53.48 43.47
N SER B 106 33.84 -53.83 42.26
CA SER B 106 34.67 -54.40 41.16
C SER B 106 35.84 -53.48 40.84
N ASP B 107 35.58 -52.17 40.73
CA ASP B 107 36.60 -51.14 40.40
C ASP B 107 37.72 -51.15 41.45
N VAL B 108 37.35 -51.20 42.74
CA VAL B 108 38.30 -51.18 43.91
C VAL B 108 39.25 -52.39 43.80
N ILE B 109 38.69 -53.59 43.67
CA ILE B 109 39.46 -54.87 43.59
C ILE B 109 40.33 -54.85 42.33
N GLY B 110 39.72 -54.62 41.16
CA GLY B 110 40.41 -54.33 39.89
C GLY B 110 40.71 -55.57 39.06
N ASN B 111 40.30 -56.76 39.52
CA ASN B 111 40.45 -58.04 38.78
C ASN B 111 39.25 -58.95 39.07
N LYS B 112 38.05 -58.35 39.18
CA LYS B 112 36.77 -59.07 39.37
C LYS B 112 35.67 -58.35 38.57
N SER B 113 35.01 -59.08 37.66
CA SER B 113 33.85 -58.59 36.87
C SER B 113 32.66 -58.32 37.81
N VAL B 114 31.68 -57.55 37.34
CA VAL B 114 30.45 -57.19 38.11
C VAL B 114 29.68 -58.48 38.41
N VAL B 115 29.77 -59.47 37.51
CA VAL B 115 29.15 -60.83 37.64
C VAL B 115 29.74 -61.51 38.89
N GLN B 116 31.07 -61.62 38.96
CA GLN B 116 31.82 -62.31 40.05
C GLN B 116 31.52 -61.64 41.40
N VAL B 117 31.48 -60.31 41.43
CA VAL B 117 31.13 -59.50 42.64
C VAL B 117 29.70 -59.86 43.07
N LYS B 118 28.77 -59.91 42.11
CA LYS B 118 27.33 -60.26 42.33
C LYS B 118 27.23 -61.68 42.89
N ASN B 119 28.02 -62.62 42.35
CA ASN B 119 28.13 -64.03 42.84
C ASN B 119 28.67 -64.03 44.28
N PHE B 120 29.83 -63.39 44.48
CA PHE B 120 30.56 -63.27 45.77
C PHE B 120 29.57 -63.00 46.91
N PHE B 121 28.65 -62.05 46.71
CA PHE B 121 27.62 -61.61 47.72
C PHE B 121 26.83 -62.80 48.24
N VAL B 122 26.49 -63.76 47.37
CA VAL B 122 25.63 -64.94 47.71
C VAL B 122 26.52 -66.05 48.29
N ASN B 123 27.70 -66.27 47.68
CA ASN B 123 28.64 -67.36 48.05
C ASN B 123 29.09 -67.19 49.50
N TYR B 124 29.55 -65.98 49.87
CA TYR B 124 30.25 -65.69 51.15
C TYR B 124 29.32 -64.96 52.13
N ARG B 125 28.03 -64.84 51.83
CA ARG B 125 27.03 -64.10 52.67
C ARG B 125 27.15 -64.56 54.13
N ARG B 126 27.20 -65.87 54.33
CA ARG B 126 27.26 -66.55 55.66
C ARG B 126 28.62 -66.31 56.32
N ARG B 127 29.71 -66.49 55.55
CA ARG B 127 31.11 -66.57 56.08
C ARG B 127 31.65 -65.17 56.40
N PHE B 128 31.19 -64.13 55.69
CA PHE B 128 31.60 -62.72 55.89
C PHE B 128 30.42 -61.87 56.40
N ASN B 129 29.36 -62.51 56.92
CA ASN B 129 28.19 -61.83 57.54
C ASN B 129 27.81 -60.59 56.73
N ILE B 130 27.64 -60.72 55.41
CA ILE B 130 27.39 -59.58 54.47
C ILE B 130 26.09 -58.87 54.88
N ASP B 131 25.11 -59.62 55.41
CA ASP B 131 23.84 -59.06 55.97
C ASP B 131 24.19 -57.98 57.01
N GLU B 132 25.05 -58.31 57.98
CA GLU B 132 25.50 -57.38 59.06
C GLU B 132 26.28 -56.20 58.44
N VAL B 133 27.17 -56.48 57.47
CA VAL B 133 28.06 -55.46 56.83
C VAL B 133 27.20 -54.42 56.09
N LEU B 134 26.11 -54.85 55.46
CA LEU B 134 25.19 -53.96 54.69
C LEU B 134 24.35 -53.13 55.67
N GLN B 135 23.89 -53.74 56.77
CA GLN B 135 23.16 -53.05 57.88
C GLN B 135 24.04 -51.91 58.44
N GLU B 136 25.35 -52.17 58.57
CA GLU B 136 26.36 -51.21 59.08
C GLU B 136 26.51 -50.03 58.09
N TRP B 137 26.53 -50.31 56.79
CA TRP B 137 26.64 -49.28 55.72
C TRP B 137 25.40 -48.39 55.71
N GLU B 138 24.21 -48.98 55.86
CA GLU B 138 22.89 -48.28 55.84
C GLU B 138 22.85 -47.27 57.00
N ALA B 139 23.20 -47.71 58.22
CA ALA B 139 23.25 -46.87 59.45
C ALA B 139 24.44 -45.91 59.38
N PRO C 1 -6.44 9.14 -7.93
CA PRO C 1 -6.60 7.81 -7.29
C PRO C 1 -5.44 6.86 -7.60
N ARG C 2 -5.59 5.58 -7.27
CA ARG C 2 -4.52 4.54 -7.42
C ARG C 2 -3.95 4.61 -8.85
N SER C 3 -4.81 4.69 -9.85
CA SER C 3 -4.48 4.69 -11.31
C SER C 3 -3.31 5.62 -11.62
N PHE C 4 -3.19 6.76 -10.95
CA PHE C 4 -2.20 7.83 -11.26
C PHE C 4 -0.82 7.49 -10.66
N LEU C 5 -0.73 6.52 -9.76
CA LEU C 5 0.55 6.11 -9.10
C LEU C 5 1.60 5.78 -10.15
N VAL C 6 2.83 6.23 -9.93
CA VAL C 6 4.03 5.90 -10.74
C VAL C 6 4.64 4.61 -10.16
N ARG C 7 5.40 3.87 -10.98
CA ARG C 7 6.10 2.61 -10.58
C ARG C 7 5.07 1.62 -9.98
N ARG C 8 3.93 1.45 -10.65
CA ARG C 8 2.83 0.57 -10.17
C ARG C 8 3.33 -0.89 -10.10
N LYS C 9 3.05 -1.57 -9.00
CA LYS C 9 3.37 -3.00 -8.78
C LYS C 9 2.34 -3.86 -9.53
#